data_8JNM
# 
_entry.id   8JNM 
# 
_audit_conform.dict_name       mmcif_pdbx.dic 
_audit_conform.dict_version    5.395 
_audit_conform.dict_location   http://mmcif.pdb.org/dictionaries/ascii/mmcif_pdbx.dic 
# 
loop_
_database_2.database_id 
_database_2.database_code 
_database_2.pdbx_database_accession 
_database_2.pdbx_DOI 
PDB   8JNM         pdb_00008jnm 10.2210/pdb8jnm/pdb 
WWPDB D_1300038338 ?            ?                   
EMDB  EMD-33597    ?            ?                   
# 
loop_
_pdbx_audit_revision_history.ordinal 
_pdbx_audit_revision_history.data_content_type 
_pdbx_audit_revision_history.major_revision 
_pdbx_audit_revision_history.minor_revision 
_pdbx_audit_revision_history.revision_date 
1 'Structure model' 1 0 2023-08-02 
2 'Structure model' 1 1 2024-07-03 
# 
_pdbx_audit_revision_details.ordinal             1 
_pdbx_audit_revision_details.revision_ordinal    1 
_pdbx_audit_revision_details.data_content_type   'Structure model' 
_pdbx_audit_revision_details.provider            repository 
_pdbx_audit_revision_details.type                'Initial release' 
_pdbx_audit_revision_details.description         ? 
_pdbx_audit_revision_details.details             ? 
# 
_pdbx_audit_revision_group.ordinal             1 
_pdbx_audit_revision_group.revision_ordinal    2 
_pdbx_audit_revision_group.data_content_type   'Structure model' 
_pdbx_audit_revision_group.group               'Data collection' 
# 
loop_
_pdbx_audit_revision_category.ordinal 
_pdbx_audit_revision_category.revision_ordinal 
_pdbx_audit_revision_category.data_content_type 
_pdbx_audit_revision_category.category 
1 2 'Structure model' chem_comp_atom 
2 2 'Structure model' chem_comp_bond 
# 
_pdbx_database_status.status_code                     REL 
_pdbx_database_status.status_code_sf                  ? 
_pdbx_database_status.status_code_mr                  ? 
_pdbx_database_status.entry_id                        8JNM 
_pdbx_database_status.recvd_initial_deposition_date   2023-06-06 
_pdbx_database_status.SG_entry                        N 
_pdbx_database_status.deposit_site                    PDBJ 
_pdbx_database_status.process_site                    PDBJ 
_pdbx_database_status.status_code_cs                  ? 
_pdbx_database_status.status_code_nmr_data            ? 
_pdbx_database_status.methods_development_category    ? 
_pdbx_database_status.pdb_format_compatible           Y 
# 
_pdbx_database_related.db_name        EMDB 
_pdbx_database_related.details        . 
_pdbx_database_related.db_id          EMD-33597 
_pdbx_database_related.content_type   'associated EM volume' 
# 
_pdbx_contact_author.id                 2 
_pdbx_contact_author.email              youxin0927@126.com 
_pdbx_contact_author.name_first         Xin 
_pdbx_contact_author.name_last          You 
_pdbx_contact_author.name_mi            ? 
_pdbx_contact_author.role               'principal investigator/group leader' 
_pdbx_contact_author.identifier_ORCID   0000-0002-9181-8646 
# 
loop_
_audit_author.name 
_audit_author.pdbx_ordinal 
_audit_author.identifier_ORCID 
'You, X.'    1 ? 
'Zhang, X.'  2 ? 
'Cheng, J.'  3 ? 
'Xiao, Y.N.' 4 ? 
'Sun, S.'    5 ? 
'Sui, S.F.'  6 ? 
# 
_citation.abstract                  ? 
_citation.abstract_id_CAS           ? 
_citation.book_id_ISBN              ? 
_citation.book_publisher            ? 
_citation.book_publisher_city       ? 
_citation.book_title                ? 
_citation.coordinate_linkage        ? 
_citation.country                   ? 
_citation.database_id_Medline       ? 
_citation.details                   ? 
_citation.id                        primary 
_citation.journal_abbrev            'To Be Published' 
_citation.journal_id_ASTM           ? 
_citation.journal_id_CSD            0353 
_citation.journal_id_ISSN           ? 
_citation.journal_full              ? 
_citation.journal_issue             ? 
_citation.journal_volume            ? 
_citation.language                  ? 
_citation.page_first                ? 
_citation.page_last                 ? 
_citation.title                     'Structure of lateral hexamer of PBS-PSII-PSI-LHCs megacomplex at 6.3 Angstroms resolution.' 
_citation.year                      ? 
_citation.database_id_CSD           ? 
_citation.pdbx_database_id_DOI      ? 
_citation.pdbx_database_id_PubMed   ? 
_citation.pdbx_database_id_patent   ? 
_citation.unpublished_flag          ? 
# 
loop_
_citation_author.citation_id 
_citation_author.name 
_citation_author.ordinal 
_citation_author.identifier_ORCID 
primary 'You, X.'    1 ? 
primary 'Zhang, X.'  2 ? 
primary 'Cheng, J.'  3 ? 
primary 'Xiao, Y.N.' 4 ? 
primary 'Sun, S.'    5 ? 
primary 'Sui, S.F.'  6 ? 
# 
_entity.id                         1 
_entity.type                       polymer 
_entity.src_method                 man 
_entity.pdbx_description           PsbW 
_entity.formula_weight             11316.226 
_entity.pdbx_number_of_molecules   1 
_entity.pdbx_ec                    ? 
_entity.pdbx_mutation              ? 
_entity.pdbx_fragment              ? 
_entity.details                    ? 
# 
_entity_poly.entity_id                      1 
_entity_poly.type                           'polypeptide(L)' 
_entity_poly.nstd_linkage                   no 
_entity_poly.nstd_monomer                   no 
_entity_poly.pdbx_seq_one_letter_code       
;MAFVSGSFGPASALVAQPKRAVSAQRRGVVAMSAAGKKAQQMAALAVAQVAVAMPALAAEGTGAALGVEEPLLFLPLILI
PSVFFILFLGFSNKQPKDDFFGAKDDRRN
;
_entity_poly.pdbx_seq_one_letter_code_can   
;MAFVSGSFGPASALVAQPKRAVSAQRRGVVAMSAAGKKAQQMAALAVAQVAVAMPALAAEGTGAALGVEEPLLFLPLILI
PSVFFILFLGFSNKQPKDDFFGAKDDRRN
;
_entity_poly.pdbx_strand_id                 A 
_entity_poly.pdbx_target_identifier         ? 
# 
loop_
_entity_poly_seq.entity_id 
_entity_poly_seq.num 
_entity_poly_seq.mon_id 
_entity_poly_seq.hetero 
1 1   MET n 
1 2   ALA n 
1 3   PHE n 
1 4   VAL n 
1 5   SER n 
1 6   GLY n 
1 7   SER n 
1 8   PHE n 
1 9   GLY n 
1 10  PRO n 
1 11  ALA n 
1 12  SER n 
1 13  ALA n 
1 14  LEU n 
1 15  VAL n 
1 16  ALA n 
1 17  GLN n 
1 18  PRO n 
1 19  LYS n 
1 20  ARG n 
1 21  ALA n 
1 22  VAL n 
1 23  SER n 
1 24  ALA n 
1 25  GLN n 
1 26  ARG n 
1 27  ARG n 
1 28  GLY n 
1 29  VAL n 
1 30  VAL n 
1 31  ALA n 
1 32  MET n 
1 33  SER n 
1 34  ALA n 
1 35  ALA n 
1 36  GLY n 
1 37  LYS n 
1 38  LYS n 
1 39  ALA n 
1 40  GLN n 
1 41  GLN n 
1 42  MET n 
1 43  ALA n 
1 44  ALA n 
1 45  LEU n 
1 46  ALA n 
1 47  VAL n 
1 48  ALA n 
1 49  GLN n 
1 50  VAL n 
1 51  ALA n 
1 52  VAL n 
1 53  ALA n 
1 54  MET n 
1 55  PRO n 
1 56  ALA n 
1 57  LEU n 
1 58  ALA n 
1 59  ALA n 
1 60  GLU n 
1 61  GLY n 
1 62  THR n 
1 63  GLY n 
1 64  ALA n 
1 65  ALA n 
1 66  LEU n 
1 67  GLY n 
1 68  VAL n 
1 69  GLU n 
1 70  GLU n 
1 71  PRO n 
1 72  LEU n 
1 73  LEU n 
1 74  PHE n 
1 75  LEU n 
1 76  PRO n 
1 77  LEU n 
1 78  ILE n 
1 79  LEU n 
1 80  ILE n 
1 81  PRO n 
1 82  SER n 
1 83  VAL n 
1 84  PHE n 
1 85  PHE n 
1 86  ILE n 
1 87  LEU n 
1 88  PHE n 
1 89  LEU n 
1 90  GLY n 
1 91  PHE n 
1 92  SER n 
1 93  ASN n 
1 94  LYS n 
1 95  GLN n 
1 96  PRO n 
1 97  LYS n 
1 98  ASP n 
1 99  ASP n 
1 100 PHE n 
1 101 PHE n 
1 102 GLY n 
1 103 ALA n 
1 104 LYS n 
1 105 ASP n 
1 106 ASP n 
1 107 ARG n 
1 108 ARG n 
1 109 ASN n 
# 
_entity_src_gen.entity_id                          1 
_entity_src_gen.pdbx_src_id                        1 
_entity_src_gen.pdbx_alt_source_flag               sample 
_entity_src_gen.pdbx_seq_type                      'Biological sequence' 
_entity_src_gen.pdbx_beg_seq_num                   1 
_entity_src_gen.pdbx_end_seq_num                   109 
_entity_src_gen.gene_src_common_name               ? 
_entity_src_gen.gene_src_genus                     ? 
_entity_src_gen.pdbx_gene_src_gene                 FVE85_7594 
_entity_src_gen.gene_src_species                   ? 
_entity_src_gen.gene_src_strain                    ? 
_entity_src_gen.gene_src_tissue                    ? 
_entity_src_gen.gene_src_tissue_fraction           ? 
_entity_src_gen.gene_src_details                   ? 
_entity_src_gen.pdbx_gene_src_fragment             ? 
_entity_src_gen.pdbx_gene_src_scientific_name      'Porphyridium purpureum' 
_entity_src_gen.pdbx_gene_src_ncbi_taxonomy_id     35688 
_entity_src_gen.pdbx_gene_src_variant              ? 
_entity_src_gen.pdbx_gene_src_cell_line            ? 
_entity_src_gen.pdbx_gene_src_atcc                 ? 
_entity_src_gen.pdbx_gene_src_organ                ? 
_entity_src_gen.pdbx_gene_src_organelle            ? 
_entity_src_gen.pdbx_gene_src_cell                 ? 
_entity_src_gen.pdbx_gene_src_cellular_location    ? 
_entity_src_gen.host_org_common_name               ? 
_entity_src_gen.pdbx_host_org_scientific_name      'Porphyridium purpureum' 
_entity_src_gen.pdbx_host_org_ncbi_taxonomy_id     35688 
_entity_src_gen.host_org_genus                     ? 
_entity_src_gen.pdbx_host_org_gene                 ? 
_entity_src_gen.pdbx_host_org_organ                ? 
_entity_src_gen.host_org_species                   ? 
_entity_src_gen.pdbx_host_org_tissue               ? 
_entity_src_gen.pdbx_host_org_tissue_fraction      ? 
_entity_src_gen.pdbx_host_org_strain               ? 
_entity_src_gen.pdbx_host_org_variant              ? 
_entity_src_gen.pdbx_host_org_cell_line            ? 
_entity_src_gen.pdbx_host_org_atcc                 ? 
_entity_src_gen.pdbx_host_org_culture_collection   ? 
_entity_src_gen.pdbx_host_org_cell                 ? 
_entity_src_gen.pdbx_host_org_organelle            ? 
_entity_src_gen.pdbx_host_org_cellular_location    ? 
_entity_src_gen.pdbx_host_org_vector_type          ? 
_entity_src_gen.pdbx_host_org_vector               ? 
_entity_src_gen.host_org_details                   ? 
_entity_src_gen.expression_system_id               ? 
_entity_src_gen.plasmid_name                       ? 
_entity_src_gen.plasmid_details                    ? 
_entity_src_gen.pdbx_description                   ? 
# 
loop_
_chem_comp.id 
_chem_comp.type 
_chem_comp.mon_nstd_flag 
_chem_comp.name 
_chem_comp.pdbx_synonyms 
_chem_comp.formula 
_chem_comp.formula_weight 
ALA 'L-peptide linking' y ALANINE         ? 'C3 H7 N O2'     89.093  
ARG 'L-peptide linking' y ARGININE        ? 'C6 H15 N4 O2 1' 175.209 
ASN 'L-peptide linking' y ASPARAGINE      ? 'C4 H8 N2 O3'    132.118 
ASP 'L-peptide linking' y 'ASPARTIC ACID' ? 'C4 H7 N O4'     133.103 
GLN 'L-peptide linking' y GLUTAMINE       ? 'C5 H10 N2 O3'   146.144 
GLU 'L-peptide linking' y 'GLUTAMIC ACID' ? 'C5 H9 N O4'     147.129 
GLY 'peptide linking'   y GLYCINE         ? 'C2 H5 N O2'     75.067  
ILE 'L-peptide linking' y ISOLEUCINE      ? 'C6 H13 N O2'    131.173 
LEU 'L-peptide linking' y LEUCINE         ? 'C6 H13 N O2'    131.173 
LYS 'L-peptide linking' y LYSINE          ? 'C6 H15 N2 O2 1' 147.195 
MET 'L-peptide linking' y METHIONINE      ? 'C5 H11 N O2 S'  149.211 
PHE 'L-peptide linking' y PHENYLALANINE   ? 'C9 H11 N O2'    165.189 
PRO 'L-peptide linking' y PROLINE         ? 'C5 H9 N O2'     115.130 
SER 'L-peptide linking' y SERINE          ? 'C3 H7 N O3'     105.093 
THR 'L-peptide linking' y THREONINE       ? 'C4 H9 N O3'     119.119 
VAL 'L-peptide linking' y VALINE          ? 'C5 H11 N O2'    117.146 
# 
loop_
_pdbx_poly_seq_scheme.asym_id 
_pdbx_poly_seq_scheme.entity_id 
_pdbx_poly_seq_scheme.seq_id 
_pdbx_poly_seq_scheme.mon_id 
_pdbx_poly_seq_scheme.ndb_seq_num 
_pdbx_poly_seq_scheme.pdb_seq_num 
_pdbx_poly_seq_scheme.auth_seq_num 
_pdbx_poly_seq_scheme.pdb_mon_id 
_pdbx_poly_seq_scheme.auth_mon_id 
_pdbx_poly_seq_scheme.pdb_strand_id 
_pdbx_poly_seq_scheme.pdb_ins_code 
_pdbx_poly_seq_scheme.hetero 
A 1 1   MET 1   1   ?   ?   ?   A . n 
A 1 2   ALA 2   2   ?   ?   ?   A . n 
A 1 3   PHE 3   3   ?   ?   ?   A . n 
A 1 4   VAL 4   4   ?   ?   ?   A . n 
A 1 5   SER 5   5   ?   ?   ?   A . n 
A 1 6   GLY 6   6   ?   ?   ?   A . n 
A 1 7   SER 7   7   ?   ?   ?   A . n 
A 1 8   PHE 8   8   ?   ?   ?   A . n 
A 1 9   GLY 9   9   ?   ?   ?   A . n 
A 1 10  PRO 10  10  ?   ?   ?   A . n 
A 1 11  ALA 11  11  ?   ?   ?   A . n 
A 1 12  SER 12  12  ?   ?   ?   A . n 
A 1 13  ALA 13  13  ?   ?   ?   A . n 
A 1 14  LEU 14  14  ?   ?   ?   A . n 
A 1 15  VAL 15  15  ?   ?   ?   A . n 
A 1 16  ALA 16  16  ?   ?   ?   A . n 
A 1 17  GLN 17  17  ?   ?   ?   A . n 
A 1 18  PRO 18  18  ?   ?   ?   A . n 
A 1 19  LYS 19  19  ?   ?   ?   A . n 
A 1 20  ARG 20  20  ?   ?   ?   A . n 
A 1 21  ALA 21  21  ?   ?   ?   A . n 
A 1 22  VAL 22  22  ?   ?   ?   A . n 
A 1 23  SER 23  23  ?   ?   ?   A . n 
A 1 24  ALA 24  24  ?   ?   ?   A . n 
A 1 25  GLN 25  25  ?   ?   ?   A . n 
A 1 26  ARG 26  26  ?   ?   ?   A . n 
A 1 27  ARG 27  27  ?   ?   ?   A . n 
A 1 28  GLY 28  28  ?   ?   ?   A . n 
A 1 29  VAL 29  29  ?   ?   ?   A . n 
A 1 30  VAL 30  30  ?   ?   ?   A . n 
A 1 31  ALA 31  31  ?   ?   ?   A . n 
A 1 32  MET 32  32  ?   ?   ?   A . n 
A 1 33  SER 33  33  ?   ?   ?   A . n 
A 1 34  ALA 34  34  ?   ?   ?   A . n 
A 1 35  ALA 35  35  ?   ?   ?   A . n 
A 1 36  GLY 36  36  ?   ?   ?   A . n 
A 1 37  LYS 37  37  ?   ?   ?   A . n 
A 1 38  LYS 38  38  ?   ?   ?   A . n 
A 1 39  ALA 39  39  ?   ?   ?   A . n 
A 1 40  GLN 40  40  ?   ?   ?   A . n 
A 1 41  GLN 41  41  ?   ?   ?   A . n 
A 1 42  MET 42  42  ?   ?   ?   A . n 
A 1 43  ALA 43  43  ?   ?   ?   A . n 
A 1 44  ALA 44  44  ?   ?   ?   A . n 
A 1 45  LEU 45  45  ?   ?   ?   A . n 
A 1 46  ALA 46  46  ?   ?   ?   A . n 
A 1 47  VAL 47  47  ?   ?   ?   A . n 
A 1 48  ALA 48  48  ?   ?   ?   A . n 
A 1 49  GLN 49  49  ?   ?   ?   A . n 
A 1 50  VAL 50  50  ?   ?   ?   A . n 
A 1 51  ALA 51  51  ?   ?   ?   A . n 
A 1 52  VAL 52  52  ?   ?   ?   A . n 
A 1 53  ALA 53  53  ?   ?   ?   A . n 
A 1 54  MET 54  54  ?   ?   ?   A . n 
A 1 55  PRO 55  55  ?   ?   ?   A . n 
A 1 56  ALA 56  56  ?   ?   ?   A . n 
A 1 57  LEU 57  57  ?   ?   ?   A . n 
A 1 58  ALA 58  58  ?   ?   ?   A . n 
A 1 59  ALA 59  59  ?   ?   ?   A . n 
A 1 60  GLU 60  60  60  GLU GLU A . n 
A 1 61  GLY 61  61  61  GLY GLY A . n 
A 1 62  THR 62  62  62  THR THR A . n 
A 1 63  GLY 63  63  63  GLY GLY A . n 
A 1 64  ALA 64  64  64  ALA ALA A . n 
A 1 65  ALA 65  65  65  ALA ALA A . n 
A 1 66  LEU 66  66  66  LEU LEU A . n 
A 1 67  GLY 67  67  67  GLY GLY A . n 
A 1 68  VAL 68  68  68  VAL VAL A . n 
A 1 69  GLU 69  69  69  GLU GLU A . n 
A 1 70  GLU 70  70  70  GLU GLU A . n 
A 1 71  PRO 71  71  71  PRO PRO A . n 
A 1 72  LEU 72  72  72  LEU LEU A . n 
A 1 73  LEU 73  73  73  LEU LEU A . n 
A 1 74  PHE 74  74  74  PHE PHE A . n 
A 1 75  LEU 75  75  75  LEU LEU A . n 
A 1 76  PRO 76  76  76  PRO PRO A . n 
A 1 77  LEU 77  77  77  LEU LEU A . n 
A 1 78  ILE 78  78  78  ILE ILE A . n 
A 1 79  LEU 79  79  79  LEU LEU A . n 
A 1 80  ILE 80  80  80  ILE ILE A . n 
A 1 81  PRO 81  81  81  PRO PRO A . n 
A 1 82  SER 82  82  82  SER SER A . n 
A 1 83  VAL 83  83  83  VAL VAL A . n 
A 1 84  PHE 84  84  84  PHE PHE A . n 
A 1 85  PHE 85  85  85  PHE PHE A . n 
A 1 86  ILE 86  86  86  ILE ILE A . n 
A 1 87  LEU 87  87  87  LEU LEU A . n 
A 1 88  PHE 88  88  88  PHE PHE A . n 
A 1 89  LEU 89  89  89  LEU LEU A . n 
A 1 90  GLY 90  90  90  GLY GLY A . n 
A 1 91  PHE 91  91  91  PHE PHE A . n 
A 1 92  SER 92  92  92  SER SER A . n 
A 1 93  ASN 93  93  93  ASN ASN A . n 
A 1 94  LYS 94  94  94  LYS LYS A . n 
A 1 95  GLN 95  95  95  GLN GLN A . n 
A 1 96  PRO 96  96  96  PRO PRO A . n 
A 1 97  LYS 97  97  97  LYS LYS A . n 
A 1 98  ASP 98  98  98  ASP ASP A . n 
A 1 99  ASP 99  99  99  ASP ASP A . n 
A 1 100 PHE 100 100 100 PHE PHE A . n 
A 1 101 PHE 101 101 101 PHE PHE A . n 
A 1 102 GLY 102 102 102 GLY GLY A . n 
A 1 103 ALA 103 103 103 ALA ALA A . n 
A 1 104 LYS 104 104 104 LYS LYS A . n 
A 1 105 ASP 105 105 105 ASP ASP A . n 
A 1 106 ASP 106 106 106 ASP ASP A . n 
A 1 107 ARG 107 107 107 ARG ARG A . n 
A 1 108 ARG 108 108 108 ARG ARG A . n 
A 1 109 ASN 109 109 109 ASN ASN A . n 
# 
_exptl.absorpt_coefficient_mu     ? 
_exptl.absorpt_correction_T_max   ? 
_exptl.absorpt_correction_T_min   ? 
_exptl.absorpt_correction_type    ? 
_exptl.absorpt_process_details    ? 
_exptl.entry_id                   8JNM 
_exptl.crystals_number            ? 
_exptl.details                    ? 
_exptl.method                     'ELECTRON MICROSCOPY' 
_exptl.method_details             ? 
# 
_struct.entry_id                     8JNM 
_struct.title                        'PsbW from red algal Porphyridium purpureum.' 
_struct.pdbx_model_details           ? 
_struct.pdbx_formula_weight          ? 
_struct.pdbx_formula_weight_method   ? 
_struct.pdbx_model_type_details      ? 
_struct.pdbx_CASP_flag               N 
# 
_struct_keywords.entry_id        8JNM 
_struct_keywords.text            'Psb34, PHOTOSYNTHESIS' 
_struct_keywords.pdbx_keywords   PHOTOSYNTHESIS 
# 
_struct_asym.id                            A 
_struct_asym.pdbx_blank_PDB_chainid_flag   N 
_struct_asym.pdbx_modified                 N 
_struct_asym.entity_id                     1 
_struct_asym.details                       ? 
# 
_struct_ref.id                         1 
_struct_ref.db_name                    UNP 
_struct_ref.db_code                    A0A5J4Z7J1_PORPP 
_struct_ref.pdbx_db_accession          A0A5J4Z7J1 
_struct_ref.pdbx_db_isoform            ? 
_struct_ref.entity_id                  1 
_struct_ref.pdbx_seq_one_letter_code   
;MAFVSGSFGPASALVAQPKRAVSAQRRGVVAMSAAGKKAQQMAALAVAQVAVAMPALAAEGTGAALGVEEPLLFLPLILI
PSVFFILFLGFSNKQPKDDFFGAKDDRRN
;
_struct_ref.pdbx_align_begin           1 
# 
_struct_ref_seq.align_id                      1 
_struct_ref_seq.ref_id                        1 
_struct_ref_seq.pdbx_PDB_id_code              8JNM 
_struct_ref_seq.pdbx_strand_id                A 
_struct_ref_seq.seq_align_beg                 1 
_struct_ref_seq.pdbx_seq_align_beg_ins_code   ? 
_struct_ref_seq.seq_align_end                 109 
_struct_ref_seq.pdbx_seq_align_end_ins_code   ? 
_struct_ref_seq.pdbx_db_accession             A0A5J4Z7J1 
_struct_ref_seq.db_align_beg                  1 
_struct_ref_seq.pdbx_db_align_beg_ins_code    ? 
_struct_ref_seq.db_align_end                  109 
_struct_ref_seq.pdbx_db_align_end_ins_code    ? 
_struct_ref_seq.pdbx_auth_seq_align_beg       1 
_struct_ref_seq.pdbx_auth_seq_align_end       109 
# 
_pdbx_struct_assembly.id                   1 
_pdbx_struct_assembly.details              author_defined_assembly 
_pdbx_struct_assembly.method_details       ? 
_pdbx_struct_assembly.oligomeric_details   monomeric 
_pdbx_struct_assembly.oligomeric_count     1 
# 
_pdbx_struct_assembly_gen.assembly_id       1 
_pdbx_struct_assembly_gen.oper_expression   1 
_pdbx_struct_assembly_gen.asym_id_list      A 
# 
_pdbx_struct_assembly_auth_evidence.id                     1 
_pdbx_struct_assembly_auth_evidence.assembly_id            1 
_pdbx_struct_assembly_auth_evidence.experimental_support   'electron microscopy' 
_pdbx_struct_assembly_auth_evidence.details                'not applicable' 
# 
_pdbx_struct_oper_list.id                   1 
_pdbx_struct_oper_list.type                 'identity operation' 
_pdbx_struct_oper_list.name                 1_555 
_pdbx_struct_oper_list.symmetry_operation   ? 
_pdbx_struct_oper_list.matrix[1][1]         1.0000000000 
_pdbx_struct_oper_list.matrix[1][2]         0.0000000000 
_pdbx_struct_oper_list.matrix[1][3]         0.0000000000 
_pdbx_struct_oper_list.vector[1]            0.0000000000 
_pdbx_struct_oper_list.matrix[2][1]         0.0000000000 
_pdbx_struct_oper_list.matrix[2][2]         1.0000000000 
_pdbx_struct_oper_list.matrix[2][3]         0.0000000000 
_pdbx_struct_oper_list.vector[2]            0.0000000000 
_pdbx_struct_oper_list.matrix[3][1]         0.0000000000 
_pdbx_struct_oper_list.matrix[3][2]         0.0000000000 
_pdbx_struct_oper_list.matrix[3][3]         1.0000000000 
_pdbx_struct_oper_list.vector[3]            0.0000000000 
# 
loop_
_struct_conf.conf_type_id 
_struct_conf.id 
_struct_conf.pdbx_PDB_helix_id 
_struct_conf.beg_label_comp_id 
_struct_conf.beg_label_asym_id 
_struct_conf.beg_label_seq_id 
_struct_conf.pdbx_beg_PDB_ins_code 
_struct_conf.end_label_comp_id 
_struct_conf.end_label_asym_id 
_struct_conf.end_label_seq_id 
_struct_conf.pdbx_end_PDB_ins_code 
_struct_conf.beg_auth_comp_id 
_struct_conf.beg_auth_asym_id 
_struct_conf.beg_auth_seq_id 
_struct_conf.end_auth_comp_id 
_struct_conf.end_auth_asym_id 
_struct_conf.end_auth_seq_id 
_struct_conf.pdbx_PDB_helix_class 
_struct_conf.details 
_struct_conf.pdbx_PDB_helix_length 
HELX_P HELX_P1 AA1 ALA A 64 ? VAL A 68 ? ALA A 64 VAL A 68 5 ? 5  
HELX_P HELX_P2 AA2 GLU A 70 ? LEU A 73 ? GLU A 70 LEU A 73 5 ? 4  
HELX_P HELX_P3 AA3 PHE A 74 ? LEU A 79 ? PHE A 74 LEU A 79 1 ? 6  
HELX_P HELX_P4 AA4 LEU A 79 ? ASN A 93 ? LEU A 79 ASN A 93 1 ? 15 
# 
_struct_conf_type.id          HELX_P 
_struct_conf_type.criteria    ? 
_struct_conf_type.reference   ? 
# 
_pdbx_validate_close_contact.id               1 
_pdbx_validate_close_contact.PDB_model_num    1 
_pdbx_validate_close_contact.auth_atom_id_1   OD1 
_pdbx_validate_close_contact.auth_asym_id_1   A 
_pdbx_validate_close_contact.auth_comp_id_1   ASP 
_pdbx_validate_close_contact.auth_seq_id_1    105 
_pdbx_validate_close_contact.PDB_ins_code_1   ? 
_pdbx_validate_close_contact.label_alt_id_1   ? 
_pdbx_validate_close_contact.auth_atom_id_2   NH2 
_pdbx_validate_close_contact.auth_asym_id_2   A 
_pdbx_validate_close_contact.auth_comp_id_2   ARG 
_pdbx_validate_close_contact.auth_seq_id_2    107 
_pdbx_validate_close_contact.PDB_ins_code_2   ? 
_pdbx_validate_close_contact.label_alt_id_2   ? 
_pdbx_validate_close_contact.dist             2.04 
# 
_em_3d_fitting.id                1 
_em_3d_fitting.entry_id          8JNM 
_em_3d_fitting.method            ? 
_em_3d_fitting.target_criteria   ? 
_em_3d_fitting.details           ? 
_em_3d_fitting.overall_b_value   ? 
_em_3d_fitting.ref_space         ? 
_em_3d_fitting.ref_protocol      ? 
# 
_em_3d_reconstruction.entry_id                    8JNM 
_em_3d_reconstruction.id                          1 
_em_3d_reconstruction.method                      ? 
_em_3d_reconstruction.algorithm                   ? 
_em_3d_reconstruction.citation_id                 ? 
_em_3d_reconstruction.details                     ? 
_em_3d_reconstruction.resolution                  3.2 
_em_3d_reconstruction.resolution_method           'FSC 0.143 CUT-OFF' 
_em_3d_reconstruction.magnification_calibration   ? 
_em_3d_reconstruction.nominal_pixel_size          ? 
_em_3d_reconstruction.actual_pixel_size           ? 
_em_3d_reconstruction.num_particles               762000 
_em_3d_reconstruction.euler_angles_details        ? 
_em_3d_reconstruction.num_class_averages          ? 
_em_3d_reconstruction.refinement_type             ? 
_em_3d_reconstruction.image_processing_id         1 
_em_3d_reconstruction.symmetry_type               POINT 
# 
_em_buffer.id            1 
_em_buffer.specimen_id   1 
_em_buffer.name          ? 
_em_buffer.details       ? 
_em_buffer.pH            7.6 
# 
_em_entity_assembly.id                   1 
_em_entity_assembly.parent_id            0 
_em_entity_assembly.source               NATURAL 
_em_entity_assembly.type                 CELL 
_em_entity_assembly.name                 'PSII subunit PsbW from Porphyridium purpureum.' 
_em_entity_assembly.details              ? 
_em_entity_assembly.synonym              ? 
_em_entity_assembly.oligomeric_details   ? 
_em_entity_assembly.entity_id_list       1 
# 
_em_imaging.entry_id                        8JNM 
_em_imaging.id                              1 
_em_imaging.astigmatism                     ? 
_em_imaging.electron_beam_tilt_params       ? 
_em_imaging.residual_tilt                   ? 
_em_imaging.microscope_model                'FEI TITAN' 
_em_imaging.specimen_holder_type            ? 
_em_imaging.specimen_holder_model           ? 
_em_imaging.details                         ? 
_em_imaging.date                            ? 
_em_imaging.accelerating_voltage            300 
_em_imaging.illumination_mode               'SPOT SCAN' 
_em_imaging.mode                            'BRIGHT FIELD' 
_em_imaging.nominal_cs                      ? 
_em_imaging.nominal_defocus_min             1000 
_em_imaging.nominal_defocus_max             6000 
_em_imaging.calibrated_defocus_min          ? 
_em_imaging.calibrated_defocus_max          ? 
_em_imaging.tilt_angle_min                  ? 
_em_imaging.tilt_angle_max                  ? 
_em_imaging.nominal_magnification           ? 
_em_imaging.calibrated_magnification        ? 
_em_imaging.electron_source                 'FIELD EMISSION GUN' 
_em_imaging.citation_id                     ? 
_em_imaging.temperature                     ? 
_em_imaging.detector_distance               ? 
_em_imaging.recording_temperature_minimum   ? 
_em_imaging.recording_temperature_maximum   ? 
_em_imaging.alignment_procedure             ? 
_em_imaging.c2_aperture_diameter            ? 
_em_imaging.specimen_id                     1 
_em_imaging.cryogen                         ? 
# 
_em_vitrification.entry_id              8JNM 
_em_vitrification.id                    1 
_em_vitrification.specimen_id           1 
_em_vitrification.cryogen_name          ETHANE 
_em_vitrification.humidity              ? 
_em_vitrification.temp                  ? 
_em_vitrification.chamber_temperature   ? 
_em_vitrification.instrument            ? 
_em_vitrification.method                ? 
_em_vitrification.time_resolved_state   ? 
_em_vitrification.citation_id           ? 
_em_vitrification.details               ? 
# 
_em_experiment.entry_id                8JNM 
_em_experiment.id                      1 
_em_experiment.reconstruction_method   'SINGLE PARTICLE' 
_em_experiment.aggregation_state       CELL 
_em_experiment.entity_assembly_id      1 
# 
loop_
_pdbx_unobs_or_zero_occ_residues.id 
_pdbx_unobs_or_zero_occ_residues.PDB_model_num 
_pdbx_unobs_or_zero_occ_residues.polymer_flag 
_pdbx_unobs_or_zero_occ_residues.occupancy_flag 
_pdbx_unobs_or_zero_occ_residues.auth_asym_id 
_pdbx_unobs_or_zero_occ_residues.auth_comp_id 
_pdbx_unobs_or_zero_occ_residues.auth_seq_id 
_pdbx_unobs_or_zero_occ_residues.PDB_ins_code 
_pdbx_unobs_or_zero_occ_residues.label_asym_id 
_pdbx_unobs_or_zero_occ_residues.label_comp_id 
_pdbx_unobs_or_zero_occ_residues.label_seq_id 
1  1 Y 1 A MET 1  ? A MET 1  
2  1 Y 1 A ALA 2  ? A ALA 2  
3  1 Y 1 A PHE 3  ? A PHE 3  
4  1 Y 1 A VAL 4  ? A VAL 4  
5  1 Y 1 A SER 5  ? A SER 5  
6  1 Y 1 A GLY 6  ? A GLY 6  
7  1 Y 1 A SER 7  ? A SER 7  
8  1 Y 1 A PHE 8  ? A PHE 8  
9  1 Y 1 A GLY 9  ? A GLY 9  
10 1 Y 1 A PRO 10 ? A PRO 10 
11 1 Y 1 A ALA 11 ? A ALA 11 
12 1 Y 1 A SER 12 ? A SER 12 
13 1 Y 1 A ALA 13 ? A ALA 13 
14 1 Y 1 A LEU 14 ? A LEU 14 
15 1 Y 1 A VAL 15 ? A VAL 15 
16 1 Y 1 A ALA 16 ? A ALA 16 
17 1 Y 1 A GLN 17 ? A GLN 17 
18 1 Y 1 A PRO 18 ? A PRO 18 
19 1 Y 1 A LYS 19 ? A LYS 19 
20 1 Y 1 A ARG 20 ? A ARG 20 
21 1 Y 1 A ALA 21 ? A ALA 21 
22 1 Y 1 A VAL 22 ? A VAL 22 
23 1 Y 1 A SER 23 ? A SER 23 
24 1 Y 1 A ALA 24 ? A ALA 24 
25 1 Y 1 A GLN 25 ? A GLN 25 
26 1 Y 1 A ARG 26 ? A ARG 26 
27 1 Y 1 A ARG 27 ? A ARG 27 
28 1 Y 1 A GLY 28 ? A GLY 28 
29 1 Y 1 A VAL 29 ? A VAL 29 
30 1 Y 1 A VAL 30 ? A VAL 30 
31 1 Y 1 A ALA 31 ? A ALA 31 
32 1 Y 1 A MET 32 ? A MET 32 
33 1 Y 1 A SER 33 ? A SER 33 
34 1 Y 1 A ALA 34 ? A ALA 34 
35 1 Y 1 A ALA 35 ? A ALA 35 
36 1 Y 1 A GLY 36 ? A GLY 36 
37 1 Y 1 A LYS 37 ? A LYS 37 
38 1 Y 1 A LYS 38 ? A LYS 38 
39 1 Y 1 A ALA 39 ? A ALA 39 
40 1 Y 1 A GLN 40 ? A GLN 40 
41 1 Y 1 A GLN 41 ? A GLN 41 
42 1 Y 1 A MET 42 ? A MET 42 
43 1 Y 1 A ALA 43 ? A ALA 43 
44 1 Y 1 A ALA 44 ? A ALA 44 
45 1 Y 1 A LEU 45 ? A LEU 45 
46 1 Y 1 A ALA 46 ? A ALA 46 
47 1 Y 1 A VAL 47 ? A VAL 47 
48 1 Y 1 A ALA 48 ? A ALA 48 
49 1 Y 1 A GLN 49 ? A GLN 49 
50 1 Y 1 A VAL 50 ? A VAL 50 
51 1 Y 1 A ALA 51 ? A ALA 51 
52 1 Y 1 A VAL 52 ? A VAL 52 
53 1 Y 1 A ALA 53 ? A ALA 53 
54 1 Y 1 A MET 54 ? A MET 54 
55 1 Y 1 A PRO 55 ? A PRO 55 
56 1 Y 1 A ALA 56 ? A ALA 56 
57 1 Y 1 A LEU 57 ? A LEU 57 
58 1 Y 1 A ALA 58 ? A ALA 58 
59 1 Y 1 A ALA 59 ? A ALA 59 
# 
loop_
_chem_comp_atom.comp_id 
_chem_comp_atom.atom_id 
_chem_comp_atom.type_symbol 
_chem_comp_atom.pdbx_aromatic_flag 
_chem_comp_atom.pdbx_stereo_config 
_chem_comp_atom.pdbx_ordinal 
ALA N    N N N 1   
ALA CA   C N S 2   
ALA C    C N N 3   
ALA O    O N N 4   
ALA CB   C N N 5   
ALA OXT  O N N 6   
ALA H    H N N 7   
ALA H2   H N N 8   
ALA HA   H N N 9   
ALA HB1  H N N 10  
ALA HB2  H N N 11  
ALA HB3  H N N 12  
ALA HXT  H N N 13  
ARG N    N N N 14  
ARG CA   C N S 15  
ARG C    C N N 16  
ARG O    O N N 17  
ARG CB   C N N 18  
ARG CG   C N N 19  
ARG CD   C N N 20  
ARG NE   N N N 21  
ARG CZ   C N N 22  
ARG NH1  N N N 23  
ARG NH2  N N N 24  
ARG OXT  O N N 25  
ARG H    H N N 26  
ARG H2   H N N 27  
ARG HA   H N N 28  
ARG HB2  H N N 29  
ARG HB3  H N N 30  
ARG HG2  H N N 31  
ARG HG3  H N N 32  
ARG HD2  H N N 33  
ARG HD3  H N N 34  
ARG HE   H N N 35  
ARG HH11 H N N 36  
ARG HH12 H N N 37  
ARG HH21 H N N 38  
ARG HH22 H N N 39  
ARG HXT  H N N 40  
ASN N    N N N 41  
ASN CA   C N S 42  
ASN C    C N N 43  
ASN O    O N N 44  
ASN CB   C N N 45  
ASN CG   C N N 46  
ASN OD1  O N N 47  
ASN ND2  N N N 48  
ASN OXT  O N N 49  
ASN H    H N N 50  
ASN H2   H N N 51  
ASN HA   H N N 52  
ASN HB2  H N N 53  
ASN HB3  H N N 54  
ASN HD21 H N N 55  
ASN HD22 H N N 56  
ASN HXT  H N N 57  
ASP N    N N N 58  
ASP CA   C N S 59  
ASP C    C N N 60  
ASP O    O N N 61  
ASP CB   C N N 62  
ASP CG   C N N 63  
ASP OD1  O N N 64  
ASP OD2  O N N 65  
ASP OXT  O N N 66  
ASP H    H N N 67  
ASP H2   H N N 68  
ASP HA   H N N 69  
ASP HB2  H N N 70  
ASP HB3  H N N 71  
ASP HD2  H N N 72  
ASP HXT  H N N 73  
GLN N    N N N 74  
GLN CA   C N S 75  
GLN C    C N N 76  
GLN O    O N N 77  
GLN CB   C N N 78  
GLN CG   C N N 79  
GLN CD   C N N 80  
GLN OE1  O N N 81  
GLN NE2  N N N 82  
GLN OXT  O N N 83  
GLN H    H N N 84  
GLN H2   H N N 85  
GLN HA   H N N 86  
GLN HB2  H N N 87  
GLN HB3  H N N 88  
GLN HG2  H N N 89  
GLN HG3  H N N 90  
GLN HE21 H N N 91  
GLN HE22 H N N 92  
GLN HXT  H N N 93  
GLU N    N N N 94  
GLU CA   C N S 95  
GLU C    C N N 96  
GLU O    O N N 97  
GLU CB   C N N 98  
GLU CG   C N N 99  
GLU CD   C N N 100 
GLU OE1  O N N 101 
GLU OE2  O N N 102 
GLU OXT  O N N 103 
GLU H    H N N 104 
GLU H2   H N N 105 
GLU HA   H N N 106 
GLU HB2  H N N 107 
GLU HB3  H N N 108 
GLU HG2  H N N 109 
GLU HG3  H N N 110 
GLU HE2  H N N 111 
GLU HXT  H N N 112 
GLY N    N N N 113 
GLY CA   C N N 114 
GLY C    C N N 115 
GLY O    O N N 116 
GLY OXT  O N N 117 
GLY H    H N N 118 
GLY H2   H N N 119 
GLY HA2  H N N 120 
GLY HA3  H N N 121 
GLY HXT  H N N 122 
ILE N    N N N 123 
ILE CA   C N S 124 
ILE C    C N N 125 
ILE O    O N N 126 
ILE CB   C N S 127 
ILE CG1  C N N 128 
ILE CG2  C N N 129 
ILE CD1  C N N 130 
ILE OXT  O N N 131 
ILE H    H N N 132 
ILE H2   H N N 133 
ILE HA   H N N 134 
ILE HB   H N N 135 
ILE HG12 H N N 136 
ILE HG13 H N N 137 
ILE HG21 H N N 138 
ILE HG22 H N N 139 
ILE HG23 H N N 140 
ILE HD11 H N N 141 
ILE HD12 H N N 142 
ILE HD13 H N N 143 
ILE HXT  H N N 144 
LEU N    N N N 145 
LEU CA   C N S 146 
LEU C    C N N 147 
LEU O    O N N 148 
LEU CB   C N N 149 
LEU CG   C N N 150 
LEU CD1  C N N 151 
LEU CD2  C N N 152 
LEU OXT  O N N 153 
LEU H    H N N 154 
LEU H2   H N N 155 
LEU HA   H N N 156 
LEU HB2  H N N 157 
LEU HB3  H N N 158 
LEU HG   H N N 159 
LEU HD11 H N N 160 
LEU HD12 H N N 161 
LEU HD13 H N N 162 
LEU HD21 H N N 163 
LEU HD22 H N N 164 
LEU HD23 H N N 165 
LEU HXT  H N N 166 
LYS N    N N N 167 
LYS CA   C N S 168 
LYS C    C N N 169 
LYS O    O N N 170 
LYS CB   C N N 171 
LYS CG   C N N 172 
LYS CD   C N N 173 
LYS CE   C N N 174 
LYS NZ   N N N 175 
LYS OXT  O N N 176 
LYS H    H N N 177 
LYS H2   H N N 178 
LYS HA   H N N 179 
LYS HB2  H N N 180 
LYS HB3  H N N 181 
LYS HG2  H N N 182 
LYS HG3  H N N 183 
LYS HD2  H N N 184 
LYS HD3  H N N 185 
LYS HE2  H N N 186 
LYS HE3  H N N 187 
LYS HZ1  H N N 188 
LYS HZ2  H N N 189 
LYS HZ3  H N N 190 
LYS HXT  H N N 191 
MET N    N N N 192 
MET CA   C N S 193 
MET C    C N N 194 
MET O    O N N 195 
MET CB   C N N 196 
MET CG   C N N 197 
MET SD   S N N 198 
MET CE   C N N 199 
MET OXT  O N N 200 
MET H    H N N 201 
MET H2   H N N 202 
MET HA   H N N 203 
MET HB2  H N N 204 
MET HB3  H N N 205 
MET HG2  H N N 206 
MET HG3  H N N 207 
MET HE1  H N N 208 
MET HE2  H N N 209 
MET HE3  H N N 210 
MET HXT  H N N 211 
PHE N    N N N 212 
PHE CA   C N S 213 
PHE C    C N N 214 
PHE O    O N N 215 
PHE CB   C N N 216 
PHE CG   C Y N 217 
PHE CD1  C Y N 218 
PHE CD2  C Y N 219 
PHE CE1  C Y N 220 
PHE CE2  C Y N 221 
PHE CZ   C Y N 222 
PHE OXT  O N N 223 
PHE H    H N N 224 
PHE H2   H N N 225 
PHE HA   H N N 226 
PHE HB2  H N N 227 
PHE HB3  H N N 228 
PHE HD1  H N N 229 
PHE HD2  H N N 230 
PHE HE1  H N N 231 
PHE HE2  H N N 232 
PHE HZ   H N N 233 
PHE HXT  H N N 234 
PRO N    N N N 235 
PRO CA   C N S 236 
PRO C    C N N 237 
PRO O    O N N 238 
PRO CB   C N N 239 
PRO CG   C N N 240 
PRO CD   C N N 241 
PRO OXT  O N N 242 
PRO H    H N N 243 
PRO HA   H N N 244 
PRO HB2  H N N 245 
PRO HB3  H N N 246 
PRO HG2  H N N 247 
PRO HG3  H N N 248 
PRO HD2  H N N 249 
PRO HD3  H N N 250 
PRO HXT  H N N 251 
SER N    N N N 252 
SER CA   C N S 253 
SER C    C N N 254 
SER O    O N N 255 
SER CB   C N N 256 
SER OG   O N N 257 
SER OXT  O N N 258 
SER H    H N N 259 
SER H2   H N N 260 
SER HA   H N N 261 
SER HB2  H N N 262 
SER HB3  H N N 263 
SER HG   H N N 264 
SER HXT  H N N 265 
THR N    N N N 266 
THR CA   C N S 267 
THR C    C N N 268 
THR O    O N N 269 
THR CB   C N R 270 
THR OG1  O N N 271 
THR CG2  C N N 272 
THR OXT  O N N 273 
THR H    H N N 274 
THR H2   H N N 275 
THR HA   H N N 276 
THR HB   H N N 277 
THR HG1  H N N 278 
THR HG21 H N N 279 
THR HG22 H N N 280 
THR HG23 H N N 281 
THR HXT  H N N 282 
VAL N    N N N 283 
VAL CA   C N S 284 
VAL C    C N N 285 
VAL O    O N N 286 
VAL CB   C N N 287 
VAL CG1  C N N 288 
VAL CG2  C N N 289 
VAL OXT  O N N 290 
VAL H    H N N 291 
VAL H2   H N N 292 
VAL HA   H N N 293 
VAL HB   H N N 294 
VAL HG11 H N N 295 
VAL HG12 H N N 296 
VAL HG13 H N N 297 
VAL HG21 H N N 298 
VAL HG22 H N N 299 
VAL HG23 H N N 300 
VAL HXT  H N N 301 
# 
loop_
_chem_comp_bond.comp_id 
_chem_comp_bond.atom_id_1 
_chem_comp_bond.atom_id_2 
_chem_comp_bond.value_order 
_chem_comp_bond.pdbx_aromatic_flag 
_chem_comp_bond.pdbx_stereo_config 
_chem_comp_bond.pdbx_ordinal 
ALA N   CA   sing N N 1   
ALA N   H    sing N N 2   
ALA N   H2   sing N N 3   
ALA CA  C    sing N N 4   
ALA CA  CB   sing N N 5   
ALA CA  HA   sing N N 6   
ALA C   O    doub N N 7   
ALA C   OXT  sing N N 8   
ALA CB  HB1  sing N N 9   
ALA CB  HB2  sing N N 10  
ALA CB  HB3  sing N N 11  
ALA OXT HXT  sing N N 12  
ARG N   CA   sing N N 13  
ARG N   H    sing N N 14  
ARG N   H2   sing N N 15  
ARG CA  C    sing N N 16  
ARG CA  CB   sing N N 17  
ARG CA  HA   sing N N 18  
ARG C   O    doub N N 19  
ARG C   OXT  sing N N 20  
ARG CB  CG   sing N N 21  
ARG CB  HB2  sing N N 22  
ARG CB  HB3  sing N N 23  
ARG CG  CD   sing N N 24  
ARG CG  HG2  sing N N 25  
ARG CG  HG3  sing N N 26  
ARG CD  NE   sing N N 27  
ARG CD  HD2  sing N N 28  
ARG CD  HD3  sing N N 29  
ARG NE  CZ   sing N N 30  
ARG NE  HE   sing N N 31  
ARG CZ  NH1  sing N N 32  
ARG CZ  NH2  doub N N 33  
ARG NH1 HH11 sing N N 34  
ARG NH1 HH12 sing N N 35  
ARG NH2 HH21 sing N N 36  
ARG NH2 HH22 sing N N 37  
ARG OXT HXT  sing N N 38  
ASN N   CA   sing N N 39  
ASN N   H    sing N N 40  
ASN N   H2   sing N N 41  
ASN CA  C    sing N N 42  
ASN CA  CB   sing N N 43  
ASN CA  HA   sing N N 44  
ASN C   O    doub N N 45  
ASN C   OXT  sing N N 46  
ASN CB  CG   sing N N 47  
ASN CB  HB2  sing N N 48  
ASN CB  HB3  sing N N 49  
ASN CG  OD1  doub N N 50  
ASN CG  ND2  sing N N 51  
ASN ND2 HD21 sing N N 52  
ASN ND2 HD22 sing N N 53  
ASN OXT HXT  sing N N 54  
ASP N   CA   sing N N 55  
ASP N   H    sing N N 56  
ASP N   H2   sing N N 57  
ASP CA  C    sing N N 58  
ASP CA  CB   sing N N 59  
ASP CA  HA   sing N N 60  
ASP C   O    doub N N 61  
ASP C   OXT  sing N N 62  
ASP CB  CG   sing N N 63  
ASP CB  HB2  sing N N 64  
ASP CB  HB3  sing N N 65  
ASP CG  OD1  doub N N 66  
ASP CG  OD2  sing N N 67  
ASP OD2 HD2  sing N N 68  
ASP OXT HXT  sing N N 69  
GLN N   CA   sing N N 70  
GLN N   H    sing N N 71  
GLN N   H2   sing N N 72  
GLN CA  C    sing N N 73  
GLN CA  CB   sing N N 74  
GLN CA  HA   sing N N 75  
GLN C   O    doub N N 76  
GLN C   OXT  sing N N 77  
GLN CB  CG   sing N N 78  
GLN CB  HB2  sing N N 79  
GLN CB  HB3  sing N N 80  
GLN CG  CD   sing N N 81  
GLN CG  HG2  sing N N 82  
GLN CG  HG3  sing N N 83  
GLN CD  OE1  doub N N 84  
GLN CD  NE2  sing N N 85  
GLN NE2 HE21 sing N N 86  
GLN NE2 HE22 sing N N 87  
GLN OXT HXT  sing N N 88  
GLU N   CA   sing N N 89  
GLU N   H    sing N N 90  
GLU N   H2   sing N N 91  
GLU CA  C    sing N N 92  
GLU CA  CB   sing N N 93  
GLU CA  HA   sing N N 94  
GLU C   O    doub N N 95  
GLU C   OXT  sing N N 96  
GLU CB  CG   sing N N 97  
GLU CB  HB2  sing N N 98  
GLU CB  HB3  sing N N 99  
GLU CG  CD   sing N N 100 
GLU CG  HG2  sing N N 101 
GLU CG  HG3  sing N N 102 
GLU CD  OE1  doub N N 103 
GLU CD  OE2  sing N N 104 
GLU OE2 HE2  sing N N 105 
GLU OXT HXT  sing N N 106 
GLY N   CA   sing N N 107 
GLY N   H    sing N N 108 
GLY N   H2   sing N N 109 
GLY CA  C    sing N N 110 
GLY CA  HA2  sing N N 111 
GLY CA  HA3  sing N N 112 
GLY C   O    doub N N 113 
GLY C   OXT  sing N N 114 
GLY OXT HXT  sing N N 115 
ILE N   CA   sing N N 116 
ILE N   H    sing N N 117 
ILE N   H2   sing N N 118 
ILE CA  C    sing N N 119 
ILE CA  CB   sing N N 120 
ILE CA  HA   sing N N 121 
ILE C   O    doub N N 122 
ILE C   OXT  sing N N 123 
ILE CB  CG1  sing N N 124 
ILE CB  CG2  sing N N 125 
ILE CB  HB   sing N N 126 
ILE CG1 CD1  sing N N 127 
ILE CG1 HG12 sing N N 128 
ILE CG1 HG13 sing N N 129 
ILE CG2 HG21 sing N N 130 
ILE CG2 HG22 sing N N 131 
ILE CG2 HG23 sing N N 132 
ILE CD1 HD11 sing N N 133 
ILE CD1 HD12 sing N N 134 
ILE CD1 HD13 sing N N 135 
ILE OXT HXT  sing N N 136 
LEU N   CA   sing N N 137 
LEU N   H    sing N N 138 
LEU N   H2   sing N N 139 
LEU CA  C    sing N N 140 
LEU CA  CB   sing N N 141 
LEU CA  HA   sing N N 142 
LEU C   O    doub N N 143 
LEU C   OXT  sing N N 144 
LEU CB  CG   sing N N 145 
LEU CB  HB2  sing N N 146 
LEU CB  HB3  sing N N 147 
LEU CG  CD1  sing N N 148 
LEU CG  CD2  sing N N 149 
LEU CG  HG   sing N N 150 
LEU CD1 HD11 sing N N 151 
LEU CD1 HD12 sing N N 152 
LEU CD1 HD13 sing N N 153 
LEU CD2 HD21 sing N N 154 
LEU CD2 HD22 sing N N 155 
LEU CD2 HD23 sing N N 156 
LEU OXT HXT  sing N N 157 
LYS N   CA   sing N N 158 
LYS N   H    sing N N 159 
LYS N   H2   sing N N 160 
LYS CA  C    sing N N 161 
LYS CA  CB   sing N N 162 
LYS CA  HA   sing N N 163 
LYS C   O    doub N N 164 
LYS C   OXT  sing N N 165 
LYS CB  CG   sing N N 166 
LYS CB  HB2  sing N N 167 
LYS CB  HB3  sing N N 168 
LYS CG  CD   sing N N 169 
LYS CG  HG2  sing N N 170 
LYS CG  HG3  sing N N 171 
LYS CD  CE   sing N N 172 
LYS CD  HD2  sing N N 173 
LYS CD  HD3  sing N N 174 
LYS CE  NZ   sing N N 175 
LYS CE  HE2  sing N N 176 
LYS CE  HE3  sing N N 177 
LYS NZ  HZ1  sing N N 178 
LYS NZ  HZ2  sing N N 179 
LYS NZ  HZ3  sing N N 180 
LYS OXT HXT  sing N N 181 
MET N   CA   sing N N 182 
MET N   H    sing N N 183 
MET N   H2   sing N N 184 
MET CA  C    sing N N 185 
MET CA  CB   sing N N 186 
MET CA  HA   sing N N 187 
MET C   O    doub N N 188 
MET C   OXT  sing N N 189 
MET CB  CG   sing N N 190 
MET CB  HB2  sing N N 191 
MET CB  HB3  sing N N 192 
MET CG  SD   sing N N 193 
MET CG  HG2  sing N N 194 
MET CG  HG3  sing N N 195 
MET SD  CE   sing N N 196 
MET CE  HE1  sing N N 197 
MET CE  HE2  sing N N 198 
MET CE  HE3  sing N N 199 
MET OXT HXT  sing N N 200 
PHE N   CA   sing N N 201 
PHE N   H    sing N N 202 
PHE N   H2   sing N N 203 
PHE CA  C    sing N N 204 
PHE CA  CB   sing N N 205 
PHE CA  HA   sing N N 206 
PHE C   O    doub N N 207 
PHE C   OXT  sing N N 208 
PHE CB  CG   sing N N 209 
PHE CB  HB2  sing N N 210 
PHE CB  HB3  sing N N 211 
PHE CG  CD1  doub Y N 212 
PHE CG  CD2  sing Y N 213 
PHE CD1 CE1  sing Y N 214 
PHE CD1 HD1  sing N N 215 
PHE CD2 CE2  doub Y N 216 
PHE CD2 HD2  sing N N 217 
PHE CE1 CZ   doub Y N 218 
PHE CE1 HE1  sing N N 219 
PHE CE2 CZ   sing Y N 220 
PHE CE2 HE2  sing N N 221 
PHE CZ  HZ   sing N N 222 
PHE OXT HXT  sing N N 223 
PRO N   CA   sing N N 224 
PRO N   CD   sing N N 225 
PRO N   H    sing N N 226 
PRO CA  C    sing N N 227 
PRO CA  CB   sing N N 228 
PRO CA  HA   sing N N 229 
PRO C   O    doub N N 230 
PRO C   OXT  sing N N 231 
PRO CB  CG   sing N N 232 
PRO CB  HB2  sing N N 233 
PRO CB  HB3  sing N N 234 
PRO CG  CD   sing N N 235 
PRO CG  HG2  sing N N 236 
PRO CG  HG3  sing N N 237 
PRO CD  HD2  sing N N 238 
PRO CD  HD3  sing N N 239 
PRO OXT HXT  sing N N 240 
SER N   CA   sing N N 241 
SER N   H    sing N N 242 
SER N   H2   sing N N 243 
SER CA  C    sing N N 244 
SER CA  CB   sing N N 245 
SER CA  HA   sing N N 246 
SER C   O    doub N N 247 
SER C   OXT  sing N N 248 
SER CB  OG   sing N N 249 
SER CB  HB2  sing N N 250 
SER CB  HB3  sing N N 251 
SER OG  HG   sing N N 252 
SER OXT HXT  sing N N 253 
THR N   CA   sing N N 254 
THR N   H    sing N N 255 
THR N   H2   sing N N 256 
THR CA  C    sing N N 257 
THR CA  CB   sing N N 258 
THR CA  HA   sing N N 259 
THR C   O    doub N N 260 
THR C   OXT  sing N N 261 
THR CB  OG1  sing N N 262 
THR CB  CG2  sing N N 263 
THR CB  HB   sing N N 264 
THR OG1 HG1  sing N N 265 
THR CG2 HG21 sing N N 266 
THR CG2 HG22 sing N N 267 
THR CG2 HG23 sing N N 268 
THR OXT HXT  sing N N 269 
VAL N   CA   sing N N 270 
VAL N   H    sing N N 271 
VAL N   H2   sing N N 272 
VAL CA  C    sing N N 273 
VAL CA  CB   sing N N 274 
VAL CA  HA   sing N N 275 
VAL C   O    doub N N 276 
VAL C   OXT  sing N N 277 
VAL CB  CG1  sing N N 278 
VAL CB  CG2  sing N N 279 
VAL CB  HB   sing N N 280 
VAL CG1 HG11 sing N N 281 
VAL CG1 HG12 sing N N 282 
VAL CG1 HG13 sing N N 283 
VAL CG2 HG21 sing N N 284 
VAL CG2 HG22 sing N N 285 
VAL CG2 HG23 sing N N 286 
VAL OXT HXT  sing N N 287 
# 
_em_ctf_correction.details                  ? 
_em_ctf_correction.em_image_processing_id   1 
_em_ctf_correction.id                       1 
_em_ctf_correction.type                     'PHASE FLIPPING ONLY' 
# 
_em_entity_assembly_naturalsource.cell                 ? 
_em_entity_assembly_naturalsource.cellular_location    ? 
_em_entity_assembly_naturalsource.entity_assembly_id   1 
_em_entity_assembly_naturalsource.id                   2 
_em_entity_assembly_naturalsource.ncbi_tax_id          35688 
_em_entity_assembly_naturalsource.organism             'Porphyridium purpureum' 
_em_entity_assembly_naturalsource.organelle            ? 
_em_entity_assembly_naturalsource.organ                ? 
_em_entity_assembly_naturalsource.strain               ? 
_em_entity_assembly_naturalsource.tissue               ? 
# 
_em_image_processing.details              ? 
_em_image_processing.id                   1 
_em_image_processing.image_recording_id   1 
# 
_em_image_recording.average_exposure_time               ? 
_em_image_recording.avg_electron_dose_per_subtomogram   ? 
_em_image_recording.avg_electron_dose_per_image         35 
_em_image_recording.details                             ? 
_em_image_recording.detector_mode                       ? 
_em_image_recording.film_or_detector_model              'GATAN K3 (6k x 4k)' 
_em_image_recording.id                                  1 
_em_image_recording.imaging_id                          1 
_em_image_recording.num_diffraction_images              ? 
_em_image_recording.num_grids_imaged                    ? 
_em_image_recording.num_real_images                     ? 
# 
loop_
_em_software.category 
_em_software.details 
_em_software.id 
_em_software.image_processing_id 
_em_software.fitting_id 
_em_software.imaging_id 
_em_software.name 
_em_software.version 
'PARTICLE SELECTION'       ? 1  1 ? ? ? ? 
'IMAGE ACQUISITION'        ? 2  ? ? 1 ? ? 
MASKING                    ? 3  ? ? ? ? ? 
'CTF CORRECTION'           ? 4  1 ? ? ? ? 
'LAYERLINE INDEXING'       ? 5  ? ? ? ? ? 
'DIFFRACTION INDEXING'     ? 6  ? ? ? ? ? 
'MODEL FITTING'            ? 7  ? ? ? ? ? 
'MODEL REFINEMENT'         ? 8  ? ? ? ? ? 
OTHER                      ? 9  ? ? ? ? ? 
'INITIAL EULER ASSIGNMENT' ? 10 1 ? ? ? ? 
'FINAL EULER ASSIGNMENT'   ? 11 1 ? ? ? ? 
CLASSIFICATION             ? 12 1 ? ? ? ? 
RECONSTRUCTION             ? 13 1 ? ? ? ? 
# 
_em_specimen.concentration           ? 
_em_specimen.details                 ? 
_em_specimen.embedding_applied       NO 
_em_specimen.experiment_id           1 
_em_specimen.id                      1 
_em_specimen.shadowing_applied       NO 
_em_specimen.staining_applied        NO 
_em_specimen.vitrification_applied   YES 
# 
_pdbx_audit_support.funding_organization   'Not funded' 
_pdbx_audit_support.country                ? 
_pdbx_audit_support.grant_number           ? 
_pdbx_audit_support.ordinal                1 
# 
_atom_sites.entry_id                    8JNM 
_atom_sites.Cartn_transf_matrix[1][1]   ? 
_atom_sites.Cartn_transf_matrix[1][2]   ? 
_atom_sites.Cartn_transf_matrix[1][3]   ? 
_atom_sites.Cartn_transf_matrix[2][1]   ? 
_atom_sites.Cartn_transf_matrix[2][2]   ? 
_atom_sites.Cartn_transf_matrix[2][3]   ? 
_atom_sites.Cartn_transf_matrix[3][1]   ? 
_atom_sites.Cartn_transf_matrix[3][2]   ? 
_atom_sites.Cartn_transf_matrix[3][3]   ? 
_atom_sites.Cartn_transf_vector[1]      ? 
_atom_sites.Cartn_transf_vector[2]      ? 
_atom_sites.Cartn_transf_vector[3]      ? 
_atom_sites.fract_transf_matrix[1][1]   1.000000 
_atom_sites.fract_transf_matrix[1][2]   0.000000 
_atom_sites.fract_transf_matrix[1][3]   0.000000 
_atom_sites.fract_transf_matrix[2][1]   0.000000 
_atom_sites.fract_transf_matrix[2][2]   1.000000 
_atom_sites.fract_transf_matrix[2][3]   0.000000 
_atom_sites.fract_transf_matrix[3][1]   0.000000 
_atom_sites.fract_transf_matrix[3][2]   0.000000 
_atom_sites.fract_transf_matrix[3][3]   1.000000 
_atom_sites.fract_transf_vector[1]      0.00000 
_atom_sites.fract_transf_vector[2]      0.00000 
_atom_sites.fract_transf_vector[3]      0.00000 
_atom_sites.solution_primary            ? 
_atom_sites.solution_secondary          ? 
_atom_sites.solution_hydrogens          ? 
_atom_sites.special_details             ? 
# 
loop_
_atom_type.symbol 
C 
N 
O 
# 
loop_
_atom_site.group_PDB 
_atom_site.id 
_atom_site.type_symbol 
_atom_site.label_atom_id 
_atom_site.label_alt_id 
_atom_site.label_comp_id 
_atom_site.label_asym_id 
_atom_site.label_entity_id 
_atom_site.label_seq_id 
_atom_site.pdbx_PDB_ins_code 
_atom_site.Cartn_x 
_atom_site.Cartn_y 
_atom_site.Cartn_z 
_atom_site.occupancy 
_atom_site.B_iso_or_equiv 
_atom_site.pdbx_formal_charge 
_atom_site.auth_seq_id 
_atom_site.auth_comp_id 
_atom_site.auth_asym_id 
_atom_site.auth_atom_id 
_atom_site.pdbx_PDB_model_num 
ATOM 1   N N   . GLU A 1 60  ? 24.979  9.594   -8.842  1.00 79.93 ? 60  GLU A N   1 
ATOM 2   C CA  . GLU A 1 60  ? 25.589  9.863   -7.513  1.00 79.93 ? 60  GLU A CA  1 
ATOM 3   C C   . GLU A 1 60  ? 26.526  8.715   -7.141  1.00 79.93 ? 60  GLU A C   1 
ATOM 4   O O   . GLU A 1 60  ? 27.721  8.817   -7.430  1.00 79.93 ? 60  GLU A O   1 
ATOM 5   C CB  . GLU A 1 60  ? 24.514  9.977   -6.439  1.00 79.93 ? 60  GLU A CB  1 
ATOM 6   C CG  . GLU A 1 60  ? 25.083  10.374  -5.097  1.00 79.93 ? 60  GLU A CG  1 
ATOM 7   C CD  . GLU A 1 60  ? 25.425  11.845  -5.064  1.00 79.93 ? 60  GLU A CD  1 
ATOM 8   O OE1 . GLU A 1 60  ? 25.127  12.516  -6.054  1.00 79.93 ? 60  GLU A OE1 1 
ATOM 9   O OE2 . GLU A 1 60  ? 25.978  12.309  -4.057  1.00 79.93 ? 60  GLU A OE2 1 
ATOM 10  N N   . GLY A 1 61  ? 25.982  7.632   -6.589  1.00 78.46 ? 61  GLY A N   1 
ATOM 11  C CA  . GLY A 1 61  ? 26.821  6.495   -6.177  1.00 78.46 ? 61  GLY A CA  1 
ATOM 12  C C   . GLY A 1 61  ? 27.115  6.485   -4.690  1.00 78.46 ? 61  GLY A C   1 
ATOM 13  O O   . GLY A 1 61  ? 27.911  5.649   -4.269  1.00 78.46 ? 61  GLY A O   1 
ATOM 14  N N   . THR A 1 62  ? 26.524  7.392   -3.914  1.00 78.28 ? 62  THR A N   1 
ATOM 15  C CA  . THR A 1 62  ? 26.746  7.356   -2.444  1.00 78.28 ? 62  THR A CA  1 
ATOM 16  C C   . THR A 1 62  ? 26.162  6.055   -1.882  1.00 78.28 ? 62  THR A C   1 
ATOM 17  O O   . THR A 1 62  ? 26.818  5.450   -1.030  1.00 78.28 ? 62  THR A O   1 
ATOM 18  C CB  . THR A 1 62  ? 26.180  8.592   -1.740  1.00 78.28 ? 62  THR A CB  1 
ATOM 19  O OG1 . THR A 1 62  ? 24.875  8.855   -2.252  1.00 78.28 ? 62  THR A OG1 1 
ATOM 20  C CG2 . THR A 1 62  ? 27.056  9.814   -1.897  1.00 78.28 ? 62  THR A CG2 1 
ATOM 21  N N   . GLY A 1 63  ? 24.998  5.624   -2.381  1.00 75.26 ? 63  GLY A N   1 
ATOM 22  C CA  . GLY A 1 63  ? 24.351  4.384   -1.906  1.00 75.26 ? 63  GLY A CA  1 
ATOM 23  C C   . GLY A 1 63  ? 23.220  4.596   -0.911  1.00 75.26 ? 63  GLY A C   1 
ATOM 24  O O   . GLY A 1 63  ? 22.760  3.607   -0.337  1.00 75.26 ? 63  GLY A O   1 
ATOM 25  N N   . ALA A 1 64  ? 22.778  5.831   -0.694  1.00 73.34 ? 64  ALA A N   1 
ATOM 26  C CA  . ALA A 1 64  ? 21.682  6.075   0.270   1.00 73.34 ? 64  ALA A CA  1 
ATOM 27  C C   . ALA A 1 64  ? 20.451  5.242   -0.093  1.00 73.34 ? 64  ALA A C   1 
ATOM 28  O O   . ALA A 1 64  ? 20.084  5.238   -1.255  1.00 73.34 ? 64  ALA A O   1 
ATOM 29  C CB  . ALA A 1 64  ? 21.348  7.539   0.275   1.00 73.34 ? 64  ALA A CB  1 
ATOM 30  N N   . ALA A 1 65  ? 19.829  4.597   0.895   1.00 70.74 ? 65  ALA A N   1 
ATOM 31  C CA  . ALA A 1 65  ? 18.639  3.785   0.708   1.00 70.74 ? 65  ALA A CA  1 
ATOM 32  C C   . ALA A 1 65  ? 17.535  4.604   0.065   1.00 70.74 ? 65  ALA A C   1 
ATOM 33  O O   . ALA A 1 65  ? 17.197  5.687   0.543   1.00 70.74 ? 65  ALA A O   1 
ATOM 34  C CB  . ALA A 1 65  ? 18.168  3.231   2.050   1.00 70.74 ? 65  ALA A CB  1 
ATOM 35  N N   . LEU A 1 66  ? 17.013  4.087   -1.048  1.00 69.67 ? 66  LEU A N   1 
ATOM 36  C CA  . LEU A 1 66  ? 15.939  4.676   -1.852  1.00 69.67 ? 66  LEU A CA  1 
ATOM 37  C C   . LEU A 1 66  ? 16.293  6.053   -2.409  1.00 69.67 ? 66  LEU A C   1 
ATOM 38  O O   . LEU A 1 66  ? 15.401  6.827   -2.760  1.00 69.67 ? 66  LEU A O   1 
ATOM 39  C CB  . LEU A 1 66  ? 14.622  4.744   -1.072  1.00 69.67 ? 66  LEU A CB  1 
ATOM 40  C CG  . LEU A 1 66  ? 14.201  3.438   -0.411  1.00 69.67 ? 66  LEU A CG  1 
ATOM 41  C CD1 . LEU A 1 66  ? 13.147  3.696   0.634   1.00 69.67 ? 66  LEU A CD1 1 
ATOM 42  C CD2 . LEU A 1 66  ? 13.693  2.477   -1.455  1.00 69.67 ? 66  LEU A CD2 1 
ATOM 43  N N   . GLY A 1 67  ? 17.579  6.368   -2.516  1.00 72.56 ? 67  GLY A N   1 
ATOM 44  C CA  . GLY A 1 67  ? 17.985  7.645   -3.086  1.00 72.56 ? 67  GLY A CA  1 
ATOM 45  C C   . GLY A 1 67  ? 17.695  8.831   -2.198  1.00 72.56 ? 67  GLY A C   1 
ATOM 46  O O   . GLY A 1 67  ? 17.656  9.971   -2.673  1.00 72.56 ? 67  GLY A O   1 
ATOM 47  N N   . VAL A 1 68  ? 17.492  8.590   -0.911  1.00 70.43 ? 68  VAL A N   1 
ATOM 48  C CA  . VAL A 1 68  ? 17.052  9.642   -0.011  1.00 70.43 ? 68  VAL A CA  1 
ATOM 49  C C   . VAL A 1 68  ? 18.252  10.218  0.719   1.00 70.43 ? 68  VAL A C   1 
ATOM 50  O O   . VAL A 1 68  ? 18.641  9.723   1.780   1.00 70.43 ? 68  VAL A O   1 
ATOM 51  C CB  . VAL A 1 68  ? 16.004  9.106   0.976   1.00 70.43 ? 68  VAL A CB  1 
ATOM 52  C CG1 . VAL A 1 68  ? 15.393  10.226  1.740   1.00 70.43 ? 68  VAL A CG1 1 
ATOM 53  C CG2 . VAL A 1 68  ? 14.929  8.361   0.235   1.00 70.43 ? 68  VAL A CG2 1 
ATOM 54  N N   . GLU A 1 69  ? 18.867  11.250  0.140   1.00 76.79 ? 69  GLU A N   1 
ATOM 55  C CA  . GLU A 1 69  ? 19.864  12.015  0.881   1.00 76.79 ? 69  GLU A CA  1 
ATOM 56  C C   . GLU A 1 69  ? 19.197  13.119  1.682   1.00 76.79 ? 69  GLU A C   1 
ATOM 57  O O   . GLU A 1 69  ? 19.591  13.402  2.817   1.00 76.79 ? 69  GLU A O   1 
ATOM 58  C CB  . GLU A 1 69  ? 20.906  12.617  -0.066  1.00 76.79 ? 69  GLU A CB  1 
ATOM 59  C CG  . GLU A 1 69  ? 21.320  11.756  -1.252  1.00 76.79 ? 69  GLU A CG  1 
ATOM 60  C CD  . GLU A 1 69  ? 22.245  10.603  -0.896  1.00 76.79 ? 69  GLU A CD  1 
ATOM 61  O OE1 . GLU A 1 69  ? 22.658  10.480  0.274   1.00 76.79 ? 69  GLU A OE1 1 
ATOM 62  O OE2 . GLU A 1 69  ? 22.568  9.808   -1.805  1.00 76.79 ? 69  GLU A OE2 1 
ATOM 63  N N   . GLU A 1 70  ? 18.195  13.742  1.110   1.00 76.07 ? 70  GLU A N   1 
ATOM 64  C CA  . GLU A 1 70  ? 17.444  14.830  1.714   1.00 76.07 ? 70  GLU A CA  1 
ATOM 65  C C   . GLU A 1 70  ? 16.271  14.265  2.495   1.00 76.07 ? 70  GLU A C   1 
ATOM 66  O O   . GLU A 1 70  ? 15.497  13.479  1.944   1.00 76.07 ? 70  GLU A O   1 
ATOM 67  C CB  . GLU A 1 70  ? 16.931  15.788  0.651   1.00 76.07 ? 70  GLU A CB  1 
ATOM 68  C CG  . GLU A 1 70  ? 17.979  16.254  -0.345  1.00 76.07 ? 70  GLU A CG  1 
ATOM 69  C CD  . GLU A 1 70  ? 18.036  15.392  -1.589  1.00 76.07 ? 70  GLU A CD  1 
ATOM 70  O OE1 . GLU A 1 70  ? 19.080  15.391  -2.270  1.00 76.07 ? 70  GLU A OE1 1 
ATOM 71  O OE2 . GLU A 1 70  ? 17.039  14.703  -1.876  1.00 76.07 ? 70  GLU A OE2 1 
ATOM 72  N N   . PRO A 1 71  ? 16.082  14.655  3.754   1.00 73.16 ? 71  PRO A N   1 
ATOM 73  C CA  . PRO A 1 71  ? 15.009  14.043  4.549   1.00 73.16 ? 71  PRO A CA  1 
ATOM 74  C C   . PRO A 1 71  ? 13.617  14.516  4.180   1.00 73.16 ? 71  PRO A C   1 
ATOM 75  O O   . PRO A 1 71  ? 12.635  14.010  4.730   1.00 73.16 ? 71  PRO A O   1 
ATOM 76  C CB  . PRO A 1 71  ? 15.379  14.446  5.977   1.00 73.16 ? 71  PRO A CB  1 
ATOM 77  C CG  . PRO A 1 71  ? 16.083  15.739  5.808   1.00 73.16 ? 71  PRO A CG  1 
ATOM 78  C CD  . PRO A 1 71  ? 16.858  15.631  4.533   1.00 73.16 ? 71  PRO A CD  1 
ATOM 79  N N   . LEU A 1 72  ? 13.495  15.478  3.273   1.00 71.79 ? 72  LEU A N   1 
ATOM 80  C CA  . LEU A 1 72  ? 12.188  15.913  2.802   1.00 71.79 ? 72  LEU A CA  1 
ATOM 81  C C   . LEU A 1 72  ? 11.563  14.904  1.855   1.00 71.79 ? 72  LEU A C   1 
ATOM 82  O O   . LEU A 1 72  ? 10.365  14.977  1.575   1.00 71.79 ? 72  LEU A O   1 
ATOM 83  C CB  . LEU A 1 72  ? 12.289  17.261  2.103   1.00 71.79 ? 72  LEU A CB  1 
ATOM 84  C CG  . LEU A 1 72  ? 11.825  18.454  2.915   1.00 71.79 ? 72  LEU A CG  1 
ATOM 85  C CD1 . LEU A 1 72  ? 12.249  19.719  2.217   1.00 71.79 ? 72  LEU A CD1 1 
ATOM 86  C CD2 . LEU A 1 72  ? 10.329  18.391  3.044   1.00 71.79 ? 72  LEU A CD2 1 
ATOM 87  N N   . LEU A 1 73  ? 12.351  13.966  1.344   1.00 71.88 ? 73  LEU A N   1 
ATOM 88  C CA  . LEU A 1 73  ? 11.832  12.955  0.440   1.00 71.88 ? 73  LEU A CA  1 
ATOM 89  C C   . LEU A 1 73  ? 11.102  11.843  1.165   1.00 71.88 ? 73  LEU A C   1 
ATOM 90  O O   . LEU A 1 73  ? 10.521  10.978  0.511   1.00 71.88 ? 73  LEU A O   1 
ATOM 91  C CB  . LEU A 1 73  ? 12.956  12.370  -0.408  1.00 71.88 ? 73  LEU A CB  1 
ATOM 92  C CG  . LEU A 1 73  ? 13.390  13.300  -1.530  1.00 71.88 ? 73  LEU A CG  1 
ATOM 93  C CD1 . LEU A 1 73  ? 14.420  12.625  -2.378  1.00 71.88 ? 73  LEU A CD1 1 
ATOM 94  C CD2 . LEU A 1 73  ? 12.206  13.698  -2.367  1.00 71.88 ? 73  LEU A CD2 1 
ATOM 95  N N   . PHE A 1 74  ? 11.123  11.837  2.494   1.00 70.49 ? 74  PHE A N   1 
ATOM 96  C CA  . PHE A 1 74  ? 10.241  10.958  3.240   1.00 70.49 ? 74  PHE A CA  1 
ATOM 97  C C   . PHE A 1 74  ? 8.846   11.528  3.370   1.00 70.49 ? 74  PHE A C   1 
ATOM 98  O O   . PHE A 1 74  ? 7.948   10.817  3.818   1.00 70.49 ? 74  PHE A O   1 
ATOM 99  C CB  . PHE A 1 74  ? 10.810  10.680  4.624   1.00 70.49 ? 74  PHE A CB  1 
ATOM 100 C CG  . PHE A 1 74  ? 11.899  9.669   4.620   1.00 70.49 ? 74  PHE A CG  1 
ATOM 101 C CD1 . PHE A 1 74  ? 11.648  8.376   4.205   1.00 70.49 ? 74  PHE A CD1 1 
ATOM 102 C CD2 . PHE A 1 74  ? 13.178  10.013  5.012   1.00 70.49 ? 74  PHE A CD2 1 
ATOM 103 C CE1 . PHE A 1 74  ? 12.653  7.437   4.190   1.00 70.49 ? 74  PHE A CE1 1 
ATOM 104 C CE2 . PHE A 1 74  ? 14.188  9.081   4.999   1.00 70.49 ? 74  PHE A CE2 1 
ATOM 105 C CZ  . PHE A 1 74  ? 13.925  7.789   4.584   1.00 70.49 ? 74  PHE A CZ  1 
ATOM 106 N N   . LEU A 1 75  ? 8.645   12.790  3.000   1.00 68.90 ? 75  LEU A N   1 
ATOM 107 C CA  . LEU A 1 75  ? 7.287   13.326  2.934   1.00 68.90 ? 75  LEU A CA  1 
ATOM 108 C C   . LEU A 1 75  ? 6.451   12.687  1.826   1.00 68.90 ? 75  LEU A C   1 
ATOM 109 O O   . LEU A 1 75  ? 5.385   12.136  2.141   1.00 68.90 ? 75  LEU A O   1 
ATOM 110 C CB  . LEU A 1 75  ? 7.340   14.855  2.856   1.00 68.90 ? 75  LEU A CB  1 
ATOM 111 C CG  . LEU A 1 75  ? 6.015   15.576  3.057   1.00 68.90 ? 75  LEU A CG  1 
ATOM 112 C CD1 . LEU A 1 75  ? 5.602   15.523  4.506   1.00 68.90 ? 75  LEU A CD1 1 
ATOM 113 C CD2 . LEU A 1 75  ? 6.132   17.005  2.581   1.00 68.90 ? 75  LEU A CD2 1 
ATOM 114 N N   . PRO A 1 76  ? 6.850   12.678  0.548   1.00 65.94 ? 76  PRO A N   1 
ATOM 115 C CA  . PRO A 1 76  ? 5.973   12.046  -0.441  1.00 65.94 ? 76  PRO A CA  1 
ATOM 116 C C   . PRO A 1 76  ? 6.104   10.536  -0.526  1.00 65.94 ? 76  PRO A C   1 
ATOM 117 O O   . PRO A 1 76  ? 5.385   9.921   -1.317  1.00 65.94 ? 76  PRO A O   1 
ATOM 118 C CB  . PRO A 1 76  ? 6.446   12.688  -1.738  1.00 65.94 ? 76  PRO A CB  1 
ATOM 119 C CG  . PRO A 1 76  ? 7.862   12.716  -1.567  1.00 65.94 ? 76  PRO A CG  1 
ATOM 120 C CD  . PRO A 1 76  ? 8.073   13.140  -0.147  1.00 65.94 ? 76  PRO A CD  1 
ATOM 121 N N   . LEU A 1 77  ? 6.999   9.928   0.244   1.00 65.88 ? 77  LEU A N   1 
ATOM 122 C CA  . LEU A 1 77  ? 7.187   8.488   0.229   1.00 65.88 ? 77  LEU A CA  1 
ATOM 123 C C   . LEU A 1 77  ? 6.431   7.807   1.354   1.00 65.88 ? 77  LEU A C   1 
ATOM 124 O O   . LEU A 1 77  ? 6.195   6.602   1.286   1.00 65.88 ? 77  LEU A O   1 
ATOM 125 C CB  . LEU A 1 77  ? 8.684   8.162   0.309   1.00 65.88 ? 77  LEU A CB  1 
ATOM 126 C CG  . LEU A 1 77  ? 9.257   6.796   -0.083  1.00 65.88 ? 77  LEU A CG  1 
ATOM 127 C CD1 . LEU A 1 77  ? 10.631  7.010   -0.677  1.00 65.88 ? 77  LEU A CD1 1 
ATOM 128 C CD2 . LEU A 1 77  ? 9.364   5.829   1.079   1.00 65.88 ? 77  LEU A CD2 1 
ATOM 129 N N   . ILE A 1 78  ? 6.018   8.552   2.371   1.00 65.60 ? 78  ILE A N   1 
ATOM 130 C CA  . ILE A 1 78  ? 5.310   7.959   3.497   1.00 65.60 ? 78  ILE A CA  1 
ATOM 131 C C   . ILE A 1 78  ? 3.853   8.401   3.446   1.00 65.60 ? 78  ILE A C   1 
ATOM 132 O O   . ILE A 1 78  ? 2.988   7.787   4.078   1.00 65.60 ? 78  ILE A O   1 
ATOM 133 C CB  . ILE A 1 78  ? 5.981   8.329   4.836   1.00 65.60 ? 78  ILE A CB  1 
ATOM 134 C CG1 . ILE A 1 78  ? 5.858   7.184   5.832   1.00 65.60 ? 78  ILE A CG1 1 
ATOM 135 C CG2 . ILE A 1 78  ? 5.388   9.583   5.455   1.00 65.60 ? 78  ILE A CG2 1 
ATOM 136 C CD1 . ILE A 1 78  ? 6.734   6.004   5.505   1.00 65.60 ? 78  ILE A CD1 1 
ATOM 137 N N   . LEU A 1 79  ? 3.560   9.444   2.670   1.00 63.64 ? 79  LEU A N   1 
ATOM 138 C CA  . LEU A 1 79  ? 2.207   9.979   2.596   1.00 63.64 ? 79  LEU A CA  1 
ATOM 139 C C   . LEU A 1 79  ? 1.409   9.416   1.436   1.00 63.64 ? 79  LEU A C   1 
ATOM 140 O O   . LEU A 1 79  ? 0.278   8.971   1.642   1.00 63.64 ? 79  LEU A O   1 
ATOM 141 C CB  . LEU A 1 79  ? 2.228   11.500  2.482   1.00 63.64 ? 79  LEU A CB  1 
ATOM 142 C CG  . LEU A 1 79  ? 2.326   12.261  3.798   1.00 63.64 ? 79  LEU A CG  1 
ATOM 143 C CD1 . LEU A 1 79  ? 2.454   13.743  3.528   1.00 63.64 ? 79  LEU A CD1 1 
ATOM 144 C CD2 . LEU A 1 79  ? 1.121   11.975  4.661   1.00 63.64 ? 79  LEU A CD2 1 
ATOM 145 N N   . ILE A 1 80  ? 1.970   9.443   0.222   1.00 62.51 ? 80  ILE A N   1 
ATOM 146 C CA  . ILE A 1 80  ? 1.248   8.916   -0.943  1.00 62.51 ? 80  ILE A CA  1 
ATOM 147 C C   . ILE A 1 80  ? 0.971   7.420   -0.855  1.00 62.51 ? 80  ILE A C   1 
ATOM 148 O O   . ILE A 1 80  ? -0.105  6.999   -1.296  1.00 62.51 ? 80  ILE A O   1 
ATOM 149 C CB  . ILE A 1 80  ? 1.962   9.329   -2.238  1.00 62.51 ? 80  ILE A CB  1 
ATOM 150 C CG1 . ILE A 1 80  ? 2.332   10.804  -2.191  1.00 62.51 ? 80  ILE A CG1 1 
ATOM 151 C CG2 . ILE A 1 80  ? 1.075   9.113   -3.431  1.00 62.51 ? 80  ILE A CG2 1 
ATOM 152 C CD1 . ILE A 1 80  ? 3.054   11.289  -3.422  1.00 62.51 ? 80  ILE A CD1 1 
ATOM 153 N N   . PRO A 1 81  ? 1.846   6.563   -0.305  1.00 61.48 ? 81  PRO A N   1 
ATOM 154 C CA  . PRO A 1 81  ? 1.376   5.206   -0.001  1.00 61.48 ? 81  PRO A CA  1 
ATOM 155 C C   . PRO A 1 81  ? 0.302   5.156   1.064   1.00 61.48 ? 81  PRO A C   1 
ATOM 156 O O   . PRO A 1 81  ? -0.634  4.365   0.928   1.00 61.48 ? 81  PRO A O   1 
ATOM 157 C CB  . PRO A 1 81  ? 2.646   4.491   0.454   1.00 61.48 ? 81  PRO A CB  1 
ATOM 158 C CG  . PRO A 1 81  ? 3.668   5.121   -0.308  1.00 61.48 ? 81  PRO A CG  1 
ATOM 159 C CD  . PRO A 1 81  ? 3.320   6.570   -0.317  1.00 61.48 ? 81  PRO A CD  1 
ATOM 160 N N   . SER A 1 82  ? 0.379   5.991   2.098   1.00 62.09 ? 82  SER A N   1 
ATOM 161 C CA  . SER A 1 82  ? -0.640  5.954   3.138   1.00 62.09 ? 82  SER A CA  1 
ATOM 162 C C   . SER A 1 82  ? -1.875  6.769   2.789   1.00 62.09 ? 82  SER A C   1 
ATOM 163 O O   . SER A 1 82  ? -2.832  6.763   3.563   1.00 62.09 ? 82  SER A O   1 
ATOM 164 C CB  . SER A 1 82  ? -0.076  6.446   4.465   1.00 62.09 ? 82  SER A CB  1 
ATOM 165 O OG  . SER A 1 82  ? 0.654   7.635   4.284   1.00 62.09 ? 82  SER A OG  1 
ATOM 166 N N   . VAL A 1 83  ? -1.873  7.490   1.672   1.00 60.69 ? 83  VAL A N   1 
ATOM 167 C CA  . VAL A 1 83  ? -3.119  8.048   1.162   1.00 60.69 ? 83  VAL A CA  1 
ATOM 168 C C   . VAL A 1 83  ? -3.913  7.002   0.393   1.00 60.69 ? 83  VAL A C   1 
ATOM 169 O O   . VAL A 1 83  ? -5.122  6.863   0.620   1.00 60.69 ? 83  VAL A O   1 
ATOM 170 C CB  . VAL A 1 83  ? -2.836  9.292   0.304   1.00 60.69 ? 83  VAL A CB  1 
ATOM 171 C CG1 . VAL A 1 83  ? -3.972  9.587   -0.653  1.00 60.69 ? 83  VAL A CG1 1 
ATOM 172 C CG2 . VAL A 1 83  ? -2.613  10.482  1.201   1.00 60.69 ? 83  VAL A CG2 1 
ATOM 173 N N   . PHE A 1 84  ? -3.264  6.226   -0.472  1.00 61.39 ? 84  PHE A N   1 
ATOM 174 C CA  . PHE A 1 84  ? -3.936  5.135   -1.162  1.00 61.39 ? 84  PHE A CA  1 
ATOM 175 C C   . PHE A 1 84  ? -4.184  3.935   -0.272  1.00 61.39 ? 84  PHE A C   1 
ATOM 176 O O   . PHE A 1 84  ? -5.046  3.117   -0.595  1.00 61.39 ? 84  PHE A O   1 
ATOM 177 C CB  . PHE A 1 84  ? -3.132  4.695   -2.387  1.00 61.39 ? 84  PHE A CB  1 
ATOM 178 C CG  . PHE A 1 84  ? -3.084  5.722   -3.464  1.00 61.39 ? 84  PHE A CG  1 
ATOM 179 C CD1 . PHE A 1 84  ? -4.224  6.069   -4.150  1.00 61.39 ? 84  PHE A CD1 1 
ATOM 180 C CD2 . PHE A 1 84  ? -1.910  6.363   -3.769  1.00 61.39 ? 84  PHE A CD2 1 
ATOM 181 C CE1 . PHE A 1 84  ? -4.186  7.031   -5.120  1.00 61.39 ? 84  PHE A CE1 1 
ATOM 182 C CE2 . PHE A 1 84  ? -1.869  7.321   -4.737  1.00 61.39 ? 84  PHE A CE2 1 
ATOM 183 C CZ  . PHE A 1 84  ? -3.005  7.654   -5.415  1.00 61.39 ? 84  PHE A CZ  1 
ATOM 184 N N   . PHE A 1 85  ? -3.456  3.808   0.839   1.00 60.26 ? 85  PHE A N   1 
ATOM 185 C CA  . PHE A 1 85  ? -3.715  2.711   1.767   1.00 60.26 ? 85  PHE A CA  1 
ATOM 186 C C   . PHE A 1 85  ? -5.039  2.905   2.479   1.00 60.26 ? 85  PHE A C   1 
ATOM 187 O O   . PHE A 1 85  ? -5.752  1.939   2.761   1.00 60.26 ? 85  PHE A O   1 
ATOM 188 C CB  . PHE A 1 85  ? -2.586  2.598   2.780   1.00 60.26 ? 85  PHE A CB  1 
ATOM 189 C CG  . PHE A 1 85  ? -2.744  1.464   3.728   1.00 60.26 ? 85  PHE A CG  1 
ATOM 190 C CD1 . PHE A 1 85  ? -2.530  0.170   3.311   1.00 60.26 ? 85  PHE A CD1 1 
ATOM 191 C CD2 . PHE A 1 85  ? -3.099  1.692   5.040   1.00 60.26 ? 85  PHE A CD2 1 
ATOM 192 C CE1 . PHE A 1 85  ? -2.670  -0.877  4.182   1.00 60.26 ? 85  PHE A CE1 1 
ATOM 193 C CE2 . PHE A 1 85  ? -3.241  0.648   5.917   1.00 60.26 ? 85  PHE A CE2 1 
ATOM 194 C CZ  . PHE A 1 85  ? -3.026  -0.638  5.486   1.00 60.26 ? 85  PHE A CZ  1 
ATOM 195 N N   . ILE A 1 86  ? -5.374  4.154   2.798   1.00 58.31 ? 86  ILE A N   1 
ATOM 196 C CA  . ILE A 1 86  ? -6.667  4.453   3.398   1.00 58.31 ? 86  ILE A CA  1 
ATOM 197 C C   . ILE A 1 86  ? -7.778  4.248   2.379   1.00 58.31 ? 86  ILE A C   1 
ATOM 198 O O   . ILE A 1 86  ? -8.864  3.755   2.710   1.00 58.31 ? 86  ILE A O   1 
ATOM 199 C CB  . ILE A 1 86  ? -6.649  5.881   3.968   1.00 58.31 ? 86  ILE A CB  1 
ATOM 200 C CG1 . ILE A 1 86  ? -5.618  5.966   5.081   1.00 58.31 ? 86  ILE A CG1 1 
ATOM 201 C CG2 . ILE A 1 86  ? -7.996  6.283   4.513   1.00 58.31 ? 86  ILE A CG2 1 
ATOM 202 C CD1 . ILE A 1 86  ? -5.380  7.362   5.570   1.00 58.31 ? 86  ILE A CD1 1 
ATOM 203 N N   . LEU A 1 87  ? -7.513  4.586   1.116   1.00 59.55 ? 87  LEU A N   1 
ATOM 204 C CA  . LEU A 1 87  ? -8.443  4.252   0.043   1.00 59.55 ? 87  LEU A CA  1 
ATOM 205 C C   . LEU A 1 87  ? -8.566  2.749   -0.146  1.00 59.55 ? 87  LEU A C   1 
ATOM 206 O O   . LEU A 1 87  ? -9.660  2.248   -0.416  1.00 59.55 ? 87  LEU A O   1 
ATOM 207 C CB  . LEU A 1 87  ? -7.992  4.901   -1.261  1.00 59.55 ? 87  LEU A CB  1 
ATOM 208 C CG  . LEU A 1 87  ? -8.407  6.347   -1.471  1.00 59.55 ? 87  LEU A CG  1 
ATOM 209 C CD1 . LEU A 1 87  ? -7.747  6.916   -2.698  1.00 59.55 ? 87  LEU A CD1 1 
ATOM 210 C CD2 . LEU A 1 87  ? -9.903  6.398   -1.612  1.00 59.55 ? 87  LEU A CD2 1 
ATOM 211 N N   . PHE A 1 88  ? -7.464  2.019   -0.004  1.00 60.27 ? 88  PHE A N   1 
ATOM 212 C CA  . PHE A 1 88  ? -7.510  0.572   -0.108  1.00 60.27 ? 88  PHE A CA  1 
ATOM 213 C C   . PHE A 1 88  ? -8.210  -0.062  1.077   1.00 60.27 ? 88  PHE A C   1 
ATOM 214 O O   . PHE A 1 88  ? -8.837  -1.112  0.920   1.00 60.27 ? 88  PHE A O   1 
ATOM 215 C CB  . PHE A 1 88  ? -6.097  0.014   -0.237  1.00 60.27 ? 88  PHE A CB  1 
ATOM 216 C CG  . PHE A 1 88  ? -6.042  -1.469  -0.330  1.00 60.27 ? 88  PHE A CG  1 
ATOM 217 C CD1 . PHE A 1 88  ? -6.711  -2.132  -1.332  1.00 60.27 ? 88  PHE A CD1 1 
ATOM 218 C CD2 . PHE A 1 88  ? -5.328  -2.202  0.592   1.00 60.27 ? 88  PHE A CD2 1 
ATOM 219 C CE1 . PHE A 1 88  ? -6.664  -3.496  -1.416  1.00 60.27 ? 88  PHE A CE1 1 
ATOM 220 C CE2 . PHE A 1 88  ? -5.277  -3.567  0.513   1.00 60.27 ? 88  PHE A CE2 1 
ATOM 221 C CZ  . PHE A 1 88  ? -5.946  -4.216  -0.492  1.00 60.27 ? 88  PHE A CZ  1 
ATOM 222 N N   . LEU A 1 89  ? -8.145  0.559   2.252   1.00 61.77 ? 89  LEU A N   1 
ATOM 223 C CA  . LEU A 1 89  ? -8.875  0.030   3.393   1.00 61.77 ? 89  LEU A CA  1 
ATOM 224 C C   . LEU A 1 89  ? -10.366 0.287   3.277   1.00 61.77 ? 89  LEU A C   1 
ATOM 225 O O   . LEU A 1 89  ? -11.161 -0.422  3.899   1.00 61.77 ? 89  LEU A O   1 
ATOM 226 C CB  . LEU A 1 89  ? -8.339  0.626   4.688   1.00 61.77 ? 89  LEU A CB  1 
ATOM 227 C CG  . LEU A 1 89  ? -7.043  0.017   5.205   1.00 61.77 ? 89  LEU A CG  1 
ATOM 228 C CD1 . LEU A 1 89  ? -6.783  0.515   6.597   1.00 61.77 ? 89  LEU A CD1 1 
ATOM 229 C CD2 . LEU A 1 89  ? -7.121  -1.483  5.193   1.00 61.77 ? 89  LEU A CD2 1 
ATOM 230 N N   . GLY A 1 90  ? -10.767 1.288   2.496   1.00 65.07 ? 90  GLY A N   1 
ATOM 231 C CA  . GLY A 1 90  ? -12.181 1.467   2.218   1.00 65.07 ? 90  GLY A CA  1 
ATOM 232 C C   . GLY A 1 90  ? -12.728 0.366   1.335   1.00 65.07 ? 90  GLY A C   1 
ATOM 233 O O   . GLY A 1 90  ? -13.907 0.022   1.410   1.00 65.07 ? 90  GLY A O   1 
ATOM 234 N N   . PHE A 1 91  ? -11.874 -0.201  0.487   1.00 63.59 ? 91  PHE A N   1 
ATOM 235 C CA  . PHE A 1 91  ? -12.250 -1.367  -0.295  1.00 63.59 ? 91  PHE A CA  1 
ATOM 236 C C   . PHE A 1 91  ? -12.160 -2.654  0.505   1.00 63.59 ? 91  PHE A C   1 
ATOM 237 O O   . PHE A 1 91  ? -13.024 -3.521  0.358   1.00 63.59 ? 91  PHE A O   1 
ATOM 238 C CB  . PHE A 1 91  ? -11.366 -1.470  -1.536  1.00 63.59 ? 91  PHE A CB  1 
ATOM 239 C CG  . PHE A 1 91  ? -11.403 -2.810  -2.194  1.00 63.59 ? 91  PHE A CG  1 
ATOM 240 C CD1 . PHE A 1 91  ? -12.534 -3.230  -2.863  1.00 63.59 ? 91  PHE A CD1 1 
ATOM 241 C CD2 . PHE A 1 91  ? -10.309 -3.648  -2.150  1.00 63.59 ? 91  PHE A CD2 1 
ATOM 242 C CE1 . PHE A 1 91  ? -12.574 -4.459  -3.466  1.00 63.59 ? 91  PHE A CE1 1 
ATOM 243 C CE2 . PHE A 1 91  ? -10.348 -4.880  -2.753  1.00 63.59 ? 91  PHE A CE2 1 
ATOM 244 C CZ  . PHE A 1 91  ? -11.481 -5.284  -3.411  1.00 63.59 ? 91  PHE A CZ  1 
ATOM 245 N N   . SER A 1 92  ? -11.147 -2.798  1.352   1.00 66.07 ? 92  SER A N   1 
ATOM 246 C CA  . SER A 1 92  ? -10.891 -4.070  2.009   1.00 66.07 ? 92  SER A CA  1 
ATOM 247 C C   . SER A 1 92  ? -11.883 -4.345  3.129   1.00 66.07 ? 92  SER A C   1 
ATOM 248 O O   . SER A 1 92  ? -12.197 -5.503  3.409   1.00 66.07 ? 92  SER A O   1 
ATOM 249 C CB  . SER A 1 92  ? -9.465  -4.101  2.551   1.00 66.07 ? 92  SER A CB  1 
ATOM 250 O OG  . SER A 1 92  ? -9.026  -5.431  2.748   1.00 66.07 ? 92  SER A OG  1 
ATOM 251 N N   . ASN A 1 93  ? -12.389 -3.298  3.777   1.00 66.08 ? 93  ASN A N   1 
ATOM 252 C CA  . ASN A 1 93  ? -13.254 -3.488  4.934   1.00 66.08 ? 93  ASN A CA  1 
ATOM 253 C C   . ASN A 1 93  ? -14.671 -3.874  4.539   1.00 66.08 ? 93  ASN A C   1 
ATOM 254 O O   . ASN A 1 93  ? -15.440 -4.355  5.374   1.00 66.08 ? 93  ASN A O   1 
ATOM 255 C CB  . ASN A 1 93  ? -13.277 -2.228  5.793   1.00 66.08 ? 93  ASN A CB  1 
ATOM 256 C CG  . ASN A 1 93  ? -11.959 -1.978  6.481   1.00 66.08 ? 93  ASN A CG  1 
ATOM 257 O OD1 . ASN A 1 93  ? -11.148 -2.886  6.635   1.00 66.08 ? 93  ASN A OD1 1 
ATOM 258 N ND2 . ASN A 1 93  ? -11.737 -0.742  6.901   1.00 66.08 ? 93  ASN A ND2 1 
ATOM 259 N N   . LYS A 1 94  ? -15.032 -3.668  3.279   1.00 68.02 ? 94  LYS A N   1 
ATOM 260 C CA  . LYS A 1 94  ? -16.359 -4.004  2.795   1.00 68.02 ? 94  LYS A CA  1 
ATOM 261 C C   . LYS A 1 94  ? -16.384 -5.324  2.042   1.00 68.02 ? 94  LYS A C   1 
ATOM 262 O O   . LYS A 1 94  ? -17.298 -5.561  1.250   1.00 68.02 ? 94  LYS A O   1 
ATOM 263 C CB  . LYS A 1 94  ? -16.886 -2.867  1.923   1.00 68.02 ? 94  LYS A CB  1 
ATOM 264 C CG  . LYS A 1 94  ? -16.703 -1.514  2.588   1.00 68.02 ? 94  LYS A CG  1 
ATOM 265 C CD  . LYS A 1 94  ? -17.230 -0.357  1.767   1.00 68.02 ? 94  LYS A CD  1 
ATOM 266 C CE  . LYS A 1 94  ? -16.938 0.951   2.483   1.00 68.02 ? 94  LYS A CE  1 
ATOM 267 N NZ  . LYS A 1 94  ? -17.264 2.152   1.679   1.00 68.02 ? 94  LYS A NZ  1 
ATOM 268 N N   . GLN A 1 95  ? -15.415 -6.189  2.292   1.00 67.38 ? 95  GLN A N   1 
ATOM 269 C CA  . GLN A 1 95  ? -15.210 -7.454  1.604   1.00 67.38 ? 95  GLN A CA  1 
ATOM 270 C C   . GLN A 1 95  ? -15.835 -8.587  2.416   1.00 67.38 ? 95  GLN A C   1 
ATOM 271 O O   . GLN A 1 95  ? -16.198 -8.356  3.572   1.00 67.38 ? 95  GLN A O   1 
ATOM 272 C CB  . GLN A 1 95  ? -13.708 -7.636  1.387   1.00 67.38 ? 95  GLN A CB  1 
ATOM 273 C CG  . GLN A 1 95  ? -13.203 -6.869  0.201   1.00 67.38 ? 95  GLN A CG  1 
ATOM 274 C CD  . GLN A 1 95  ? -14.061 -7.083  -1.011  1.00 67.38 ? 95  GLN A CD  1 
ATOM 275 O OE1 . GLN A 1 95  ? -14.160 -8.193  -1.521  1.00 67.38 ? 95  GLN A OE1 1 
ATOM 276 N NE2 . GLN A 1 95  ? -14.693 -6.021  -1.482  1.00 67.38 ? 95  GLN A NE2 1 
ATOM 277 N N   . PRO A 1 96  ? -15.960 -9.802  1.844   1.00 68.90 ? 96  PRO A N   1 
ATOM 278 C CA  . PRO A 1 96  ? -16.536 -10.959 2.535   1.00 68.90 ? 96  PRO A CA  1 
ATOM 279 C C   . PRO A 1 96  ? -15.799 -11.510 3.770   1.00 68.90 ? 96  PRO A C   1 
ATOM 280 O O   . PRO A 1 96  ? -16.461 -11.926 4.685   1.00 68.90 ? 96  PRO A O   1 
ATOM 281 C CB  . PRO A 1 96  ? -16.617 -12.022 1.434   1.00 68.90 ? 96  PRO A CB  1 
ATOM 282 C CG  . PRO A 1 96  ? -15.534 -11.629 0.479   1.00 68.90 ? 96  PRO A CG  1 
ATOM 283 C CD  . PRO A 1 96  ? -15.586 -10.121 0.474   1.00 68.90 ? 96  PRO A CD  1 
ATOM 284 N N   . LYS A 1 97  ? -14.468 -11.572 3.741   1.00 71.04 ? 97  LYS A N   1 
ATOM 285 C CA  . LYS A 1 97  ? -13.659 -12.062 4.896   1.00 71.04 ? 97  LYS A CA  1 
ATOM 286 C C   . LYS A 1 97  ? -14.057 -13.478 5.336   1.00 71.04 ? 97  LYS A C   1 
ATOM 287 O O   . LYS A 1 97  ? -14.035 -13.742 6.531   1.00 71.04 ? 97  LYS A O   1 
ATOM 288 C CB  . LYS A 1 97  ? -13.602 -11.025 6.025   1.00 71.04 ? 97  LYS A CB  1 
ATOM 289 C CG  . LYS A 1 97  ? -14.585 -11.185 7.177   1.00 71.04 ? 97  LYS A CG  1 
ATOM 290 C CD  . LYS A 1 97  ? -15.643 -10.109 7.211   1.00 71.04 ? 97  LYS A CD  1 
ATOM 291 C CE  . LYS A 1 97  ? -15.108 -8.759  7.632   1.00 71.04 ? 97  LYS A CE  1 
ATOM 292 N NZ  . LYS A 1 97  ? -13.694 -8.579  7.230   1.00 71.04 ? 97  LYS A NZ  1 
ATOM 293 N N   . ASP A 1 98  ? -14.336 -14.370 4.384   1.00 73.14 ? 98  ASP A N   1 
ATOM 294 C CA  . ASP A 1 98  ? -14.692 -15.786 4.671   1.00 73.14 ? 98  ASP A CA  1 
ATOM 295 C C   . ASP A 1 98  ? -13.633 -16.696 4.045   1.00 73.14 ? 98  ASP A C   1 
ATOM 296 O O   . ASP A 1 98  ? -13.300 -16.492 2.878   1.00 73.14 ? 98  ASP A O   1 
ATOM 297 C CB  . ASP A 1 98  ? -16.048 -16.142 4.063   1.00 73.14 ? 98  ASP A CB  1 
ATOM 298 C CG  . ASP A 1 98  ? -17.208 -15.920 5.012   1.00 73.14 ? 98  ASP A CG  1 
ATOM 299 O OD1 . ASP A 1 98  ? -17.099 -16.362 6.162   1.00 73.14 ? 98  ASP A OD1 1 
ATOM 300 O OD2 . ASP A 1 98  ? -18.209 -15.310 4.590   1.00 73.14 ? 98  ASP A OD2 1 
ATOM 301 N N   . ASP A 1 99  ? -13.132 -17.680 4.783   1.00 71.14 ? 99  ASP A N   1 
ATOM 302 C CA  . ASP A 1 99  ? -12.110 -18.559 4.240   1.00 71.14 ? 99  ASP A CA  1 
ATOM 303 C C   . ASP A 1 99  ? -12.741 -19.406 3.152   1.00 71.14 ? 99  ASP A C   1 
ATOM 304 O O   . ASP A 1 99  ? -13.549 -20.295 3.431   1.00 71.14 ? 99  ASP A O   1 
ATOM 305 C CB  . ASP A 1 99  ? -11.494 -19.433 5.333   1.00 71.14 ? 99  ASP A CB  1 
ATOM 306 C CG  . ASP A 1 99  ? -10.196 -20.090 4.896   1.00 71.14 ? 99  ASP A CG  1 
ATOM 307 O OD1 . ASP A 1 99  ? -10.227 -20.956 3.999   1.00 71.14 ? 99  ASP A OD1 1 
ATOM 308 O OD2 . ASP A 1 99  ? -9.135  -19.740 5.452   1.00 71.14 ? 99  ASP A OD2 1 
ATOM 309 N N   . PHE A 1 100 ? -12.374 -19.134 1.909   1.00 68.90 ? 100 PHE A N   1 
ATOM 310 C CA  . PHE A 1 100 ? -12.945 -19.829 0.768   1.00 68.90 ? 100 PHE A CA  1 
ATOM 311 C C   . PHE A 1 100 ? -12.172 -21.115 0.527   1.00 68.90 ? 100 PHE A C   1 
ATOM 312 O O   . PHE A 1 100 ? -11.291 -21.468 1.315   1.00 68.90 ? 100 PHE A O   1 
ATOM 313 C CB  . PHE A 1 100 ? -12.930 -18.932 -0.471  1.00 68.90 ? 100 PHE A CB  1 
ATOM 314 C CG  . PHE A 1 100 ? -11.593 -18.309 -0.771  1.00 68.90 ? 100 PHE A CG  1 
ATOM 315 C CD1 . PHE A 1 100 ? -11.217 -17.105 -0.198  1.00 68.90 ? 100 PHE A CD1 1 
ATOM 316 C CD2 . PHE A 1 100 ? -10.724 -18.917 -1.653  1.00 68.90 ? 100 PHE A CD2 1 
ATOM 317 C CE1 . PHE A 1 100 ? -9.997  -16.546 -0.482  1.00 68.90 ? 100 PHE A CE1 1 
ATOM 318 C CE2 . PHE A 1 100 ? -9.510  -18.356 -1.938  1.00 68.90 ? 100 PHE A CE2 1 
ATOM 319 C CZ  . PHE A 1 100 ? -9.149  -17.170 -1.358  1.00 68.90 ? 100 PHE A CZ  1 
ATOM 320 N N   . PHE A 1 101 ? -12.574 -21.878 -0.485  1.00 70.39 ? 101 PHE A N   1 
ATOM 321 C CA  . PHE A 1 101 ? -11.878 -23.139 -0.851  1.00 70.39 ? 101 PHE A CA  1 
ATOM 322 C C   . PHE A 1 101 ? -11.675 -23.115 -2.362  1.00 70.39 ? 101 PHE A C   1 
ATOM 323 O O   . PHE A 1 101 ? -12.459 -22.466 -3.053  1.00 70.39 ? 101 PHE A O   1 
ATOM 324 C CB  . PHE A 1 101 ? -12.634 -24.380 -0.386  1.00 70.39 ? 101 PHE A CB  1 
ATOM 325 C CG  . PHE A 1 101 ? -11.732 -25.522 -0.005  1.00 70.39 ? 101 PHE A CG  1 
ATOM 326 C CD1 . PHE A 1 101 ? -10.577 -25.294 0.721   1.00 70.39 ? 101 PHE A CD1 1 
ATOM 327 C CD2 . PHE A 1 101 ? -12.023 -26.821 -0.378  1.00 70.39 ? 101 PHE A CD2 1 
ATOM 328 C CE1 . PHE A 1 101 ? -9.741  -26.339 1.072   1.00 70.39 ? 101 PHE A CE1 1 
ATOM 329 C CE2 . PHE A 1 101 ? -11.186 -27.865 -0.028  1.00 70.39 ? 101 PHE A CE2 1 
ATOM 330 C CZ  . PHE A 1 101 ? -10.046 -27.622 0.695   1.00 70.39 ? 101 PHE A CZ  1 
ATOM 331 N N   . GLY A 1 102 ? -10.698 -23.856 -2.871  1.00 72.24 ? 102 GLY A N   1 
ATOM 332 C CA  . GLY A 1 102 ? -10.396 -23.698 -4.303  1.00 72.24 ? 102 GLY A CA  1 
ATOM 333 C C   . GLY A 1 102 ? -9.532  -22.460 -4.459  1.00 72.24 ? 102 GLY A C   1 
ATOM 334 O O   . GLY A 1 102 ? -8.835  -22.114 -3.498  1.00 72.24 ? 102 GLY A O   1 
ATOM 335 N N   . ALA A 1 103 ? -9.538  -21.815 -5.619  1.00 70.00 ? 103 ALA A N   1 
ATOM 336 C CA  . ALA A 1 103 ? -8.685  -20.621 -5.777  1.00 70.00 ? 103 ALA A CA  1 
ATOM 337 C C   . ALA A 1 103 ? -9.493  -19.469 -6.361  1.00 70.00 ? 103 ALA A C   1 
ATOM 338 O O   . ALA A 1 103 ? -10.629 -19.701 -6.752  1.00 70.00 ? 103 ALA A O   1 
ATOM 339 C CB  . ALA A 1 103 ? -7.548  -20.963 -6.681  1.00 70.00 ? 103 ALA A CB  1 
ATOM 340 N N   . LYS A 1 104 ? -8.956  -18.256 -6.295  1.00 70.21 ? 104 LYS A N   1 
ATOM 341 C CA  . LYS A 1 104 ? -9.574  -17.089 -6.972  1.00 70.21 ? 104 LYS A CA  1 
ATOM 342 C C   . LYS A 1 104 ? -11.039 -16.832 -6.602  1.00 70.21 ? 104 LYS A C   1 
ATOM 343 O O   . LYS A 1 104 ? -11.880 -17.034 -7.477  1.00 70.21 ? 104 LYS A O   1 
ATOM 344 C CB  . LYS A 1 104 ? -9.454  -17.272 -8.487  1.00 70.21 ? 104 LYS A CB  1 
ATOM 345 C CG  . LYS A 1 104 ? -10.045 -16.159 -9.333  1.00 70.21 ? 104 LYS A CG  1 
ATOM 346 C CD  . LYS A 1 104 ? -10.801 -16.657 -10.534 1.00 70.21 ? 104 LYS A CD  1 
ATOM 347 C CE  . LYS A 1 104 ? -12.103 -17.318 -10.155 1.00 70.21 ? 104 LYS A CE  1 
ATOM 348 N NZ  . LYS A 1 104 ? -11.880 -18.347 -9.115  1.00 70.21 ? 104 LYS A NZ  1 
ATOM 349 N N   . ASP A 1 105 ? -11.328 -16.467 -5.353  1.00 70.72 ? 105 ASP A N   1 
ATOM 350 C CA  . ASP A 1 105 ? -12.689 -16.072 -4.886  1.00 70.72 ? 105 ASP A CA  1 
ATOM 351 C C   . ASP A 1 105 ? -13.129 -14.834 -5.679  1.00 70.72 ? 105 ASP A C   1 
ATOM 352 O O   . ASP A 1 105 ? -12.280 -13.954 -5.833  1.00 70.72 ? 105 ASP A O   1 
ATOM 353 C CB  . ASP A 1 105 ? -12.625 -15.780 -3.388  1.00 70.72 ? 105 ASP A CB  1 
ATOM 354 C CG  . ASP A 1 105 ? -13.807 -15.040 -2.790  1.00 70.72 ? 105 ASP A CG  1 
ATOM 355 O OD1 . ASP A 1 105 ? -14.940 -15.542 -2.911  1.00 70.72 ? 105 ASP A OD1 1 
ATOM 356 O OD2 . ASP A 1 105 ? -13.571 -13.998 -2.149  1.00 70.72 ? 105 ASP A OD2 1 
ATOM 357 N N   . ASP A 1 106 ? -14.396 -14.738 -6.119  1.00 71.79 ? 106 ASP A N   1 
ATOM 358 C CA  . ASP A 1 106 ? -14.868 -13.584 -6.935  1.00 71.79 ? 106 ASP A CA  1 
ATOM 359 C C   . ASP A 1 106 ? -16.091 -12.861 -6.346  1.00 71.79 ? 106 ASP A C   1 
ATOM 360 O O   . ASP A 1 106 ? -16.853 -12.315 -7.148  1.00 71.79 ? 106 ASP A O   1 
ATOM 361 C CB  . ASP A 1 106 ? -15.190 -14.027 -8.358  1.00 71.79 ? 106 ASP A CB  1 
ATOM 362 C CG  . ASP A 1 106 ? -15.340 -15.527 -8.451  1.00 71.79 ? 106 ASP A CG  1 
ATOM 363 O OD1 . ASP A 1 106 ? -15.403 -16.164 -7.387  1.00 71.79 ? 106 ASP A OD1 1 
ATOM 364 O OD2 . ASP A 1 106 ? -15.385 -16.033 -9.580  1.00 71.79 ? 106 ASP A OD2 1 
ATOM 365 N N   . ARG A 1 107 ? -16.218 -12.821 -5.026  1.00 69.93 ? 107 ARG A N   1 
ATOM 366 C CA  . ARG A 1 107 ? -17.331 -12.037 -4.458  1.00 69.93 ? 107 ARG A CA  1 
ATOM 367 C C   . ARG A 1 107 ? -16.943 -10.576 -4.685  1.00 69.93 ? 107 ARG A C   1 
ATOM 368 O O   . ARG A 1 107 ? -17.640 -9.887  -5.440  1.00 69.93 ? 107 ARG A O   1 
ATOM 369 C CB  . ARG A 1 107 ? -17.582 -12.450 -3.007  1.00 69.93 ? 107 ARG A CB  1 
ATOM 370 C CG  . ARG A 1 107 ? -18.724 -13.445 -2.868  1.00 69.93 ? 107 ARG A CG  1 
ATOM 371 C CD  . ARG A 1 107 ? -18.567 -14.363 -1.679  1.00 69.93 ? 107 ARG A CD  1 
ATOM 372 N NE  . ARG A 1 107 ? -17.416 -15.216 -1.891  1.00 69.93 ? 107 ARG A NE  1 
ATOM 373 C CZ  . ARG A 1 107 ? -16.665 -15.717 -0.926  1.00 69.93 ? 107 ARG A CZ  1 
ATOM 374 N NH1 . ARG A 1 107 ? -16.949 -15.457 0.337   1.00 69.93 ? 107 ARG A NH1 1 
ATOM 375 N NH2 . ARG A 1 107 ? -15.634 -16.477 -1.230  1.00 69.93 ? 107 ARG A NH2 1 
ATOM 376 N N   . ARG A 1 108 ? -15.879 -10.130 -4.027  1.00 69.25 ? 108 ARG A N   1 
ATOM 377 C CA  . ARG A 1 108 ? -15.326 -8.775  -4.271  1.00 69.25 ? 108 ARG A CA  1 
ATOM 378 C C   . ARG A 1 108 ? -16.389 -7.680  -4.186  1.00 69.25 ? 108 ARG A C   1 
ATOM 379 O O   . ARG A 1 108 ? -16.428 -6.867  -5.105  1.00 69.25 ? 108 ARG A O   1 
ATOM 380 C CB  . ARG A 1 108 ? -14.644 -8.722  -5.639  1.00 69.25 ? 108 ARG A CB  1 
ATOM 381 C CG  . ARG A 1 108 ? -13.815 -7.466  -5.854  1.00 69.25 ? 108 ARG A CG  1 
ATOM 382 C CD  . ARG A 1 108 ? -14.321 -6.636  -7.001  1.00 69.25 ? 108 ARG A CD  1 
ATOM 383 N NE  . ARG A 1 108 ? -15.093 -7.457  -7.906  1.00 69.25 ? 108 ARG A NE  1 
ATOM 384 C CZ  . ARG A 1 108 ? -15.124 -7.279  -9.213  1.00 69.25 ? 108 ARG A CZ  1 
ATOM 385 N NH1 . ARG A 1 108 ? -15.859 -8.067  -9.973  1.00 69.25 ? 108 ARG A NH1 1 
ATOM 386 N NH2 . ARG A 1 108 ? -14.420 -6.308  -9.759  1.00 69.25 ? 108 ARG A NH2 1 
ATOM 387 N N   . ASN A 1 109 ? -17.243 -7.684  -3.164  1.00 69.47 ? 109 ASN A N   1 
ATOM 388 C CA  . ASN A 1 109 ? -18.233 -6.584  -3.040  1.00 69.47 ? 109 ASN A CA  1 
ATOM 389 C C   . ASN A 1 109 ? -17.471 -5.258  -3.012  1.00 69.47 ? 109 ASN A C   1 
ATOM 390 O O   . ASN A 1 109 ? -17.753 -4.423  -3.884  1.00 69.47 ? 109 ASN A O   1 
ATOM 391 C CB  . ASN A 1 109 ? -19.079 -6.715  -1.777  1.00 69.47 ? 109 ASN A CB  1 
ATOM 392 C CG  . ASN A 1 109 ? -19.471 -8.145  -1.498  1.00 69.47 ? 109 ASN A CG  1 
ATOM 393 O OD1 . ASN A 1 109 ? -19.739 -8.509  -0.359  1.00 69.47 ? 109 ASN A OD1 1 
ATOM 394 N ND2 . ASN A 1 109 ? -19.493 -8.963  -2.533  1.00 69.47 ? 109 ASN A ND2 1 
# 
